data_8D49
#
_entry.id   8D49
#
_cell.length_a   1.00
_cell.length_b   1.00
_cell.length_c   1.00
_cell.angle_alpha   90.00
_cell.angle_beta   90.00
_cell.angle_gamma   90.00
#
_symmetry.space_group_name_H-M   'P 1'
#
loop_
_entity.id
_entity.type
_entity.pdbx_description
1 polymer 'OrfB_Zn_ribbon domain-containing protein'
2 polymer 'RNA (26-MER)'
#
loop_
_entity_poly.entity_id
_entity_poly.type
_entity_poly.pdbx_seq_one_letter_code
_entity_poly.pdbx_strand_id
1 'polypeptide(L)'
;MLHAFTNQYQLSKTLRFGATLKEDEKKCKSHEELKGFVDISYENMKSSATIAESLNENELVKKCERCYSEIVKFHNAWEK
IYYRTDQIAVYKDFYRQLSRKARFDAGKQNSQLITLASLCGMYQGAKLSRYITNYWKDNITRQKSFLKDFSQQLHQYTRA
LEKSDKAHTKPNLINFNKTFMVLANLVNEIVIPLSNGAISFPNISKLEDGEESHLIEFALNDYSQLSELIGELKDAIATN
GGYTPFAKVTLNHYTAEQKPHVFKNDIDAKIRELKLIGLVETLKGKSSEQIEEYFSNLDKFSTYNDRNQSVIVRTQCFKY
KPIPFLVKHQLAKYISEPNGWDEDAVAKVLDAVGAIRSPAHDYANNQEGFDLNHYPIKVAFDYAWEQLANSLYTTVTFPQ
EMCEKYLNSIYGCEVSKEPVFKFYADLLYIRKNLAVLEHKNNLPSNQEEFICKINNTFENIVLPYKISQFETYKKDILAW
INDGHDHKKYTDAKQQLGFIRGGLKGRIKAEEVSQKDKYGKIKSYYENPYTKLTNEFKQISSTYGKTFAELRDKFKEKNE
ITKITHFGIIIEDKNRDRYLLASELKHEQINHVSTILNKLDKSSEFITYQVKSLTSKTLIKLIKNHTTKKGAISPYADFH
TSKTGFNKNEIEKNWDNYKREQVLVEYVKDCLTDSTMAKNQNWAEFGWNFEKCNSYEDIEHEIDQKSYLLQSDTISKQSI
ASLVEGGCLLLPIINQDITSKERKDKNQFSKDWNHIFEGSKEFRLHPEFAVSYRTPIEGYPVQKRYGRLQFVCAFNAHIV
PQNGEFINLKKQIENFNDEDVQKRNVTEFNKKVNHALSDKEYVVIGIDRGLKQLATLCVLDKRGKILGDFEIYKKEFVRA
EKRSESHWEHTQAETRHILDLSNLRVETTIEGKKVLVDQSLTLVKKNRDTPDEEATEENKQKIKLKQLSYIRKLQHKMQT
NEQDVLDLINNEPSDEEFKKRIEGLISSFGEGQKYADLPINTMREMISDLQGVIARGNNQTEKNKIIELDAADNLKQGIV
ANMIGIVNYIFAKYSYKAYISLEDLSRAYGGAKSGYDGRYLPSTSQDEDVDFKEQQNQMLAGLGTYQFFEMQLLKKLQKI
QSDNTVLRFVPAFRSADNYRNILRLEETKYKSKPFGVVHFIDPKFTSKKCPVCSKTNVYRDKDDILVCKECGFRSDSQLK
ERENNIHYIHNGDDNGAYHIALKSVENLIQMK
;
A
2 'polyribonucleotide' AUUUCUACUAUUGUAGAUCUUUUUUU B
#
loop_
_chem_comp.id
_chem_comp.type
_chem_comp.name
_chem_comp.formula
A RNA linking ADENOSINE-5'-MONOPHOSPHATE 'C10 H14 N5 O7 P'
C RNA linking CYTIDINE-5'-MONOPHOSPHATE 'C9 H14 N3 O8 P'
G RNA linking GUANOSINE-5'-MONOPHOSPHATE 'C10 H14 N5 O8 P'
U RNA linking URIDINE-5'-MONOPHOSPHATE 'C9 H13 N2 O9 P'
#
# COMPACT_ATOMS: atom_id res chain seq x y z
N PHE A 5 -27.58 14.57 13.49
CA PHE A 5 -26.24 14.32 13.00
C PHE A 5 -26.24 13.42 11.78
N THR A 6 -27.32 13.49 11.00
CA THR A 6 -27.49 12.56 9.90
C THR A 6 -26.40 12.76 8.86
N ASN A 7 -25.99 11.66 8.23
CA ASN A 7 -24.91 11.70 7.26
C ASN A 7 -25.42 12.24 5.93
N GLN A 8 -24.76 13.27 5.43
CA GLN A 8 -25.15 13.88 4.15
C GLN A 8 -24.24 13.48 3.01
N TYR A 9 -23.39 12.47 3.19
CA TYR A 9 -22.47 12.01 2.16
C TYR A 9 -22.90 10.63 1.68
N GLN A 10 -22.47 10.28 0.47
CA GLN A 10 -22.69 8.93 -0.04
C GLN A 10 -21.58 8.01 0.43
N LEU A 11 -21.95 6.94 1.14
CA LEU A 11 -21.00 6.00 1.70
C LEU A 11 -21.01 4.72 0.88
N SER A 12 -19.95 3.94 1.00
CA SER A 12 -19.85 2.66 0.31
C SER A 12 -19.38 1.58 1.25
N LYS A 13 -19.82 0.36 1.00
CA LYS A 13 -19.40 -0.82 1.71
C LYS A 13 -19.18 -1.93 0.71
N THR A 14 -18.38 -2.92 1.08
CA THR A 14 -18.18 -4.10 0.26
C THR A 14 -18.59 -5.31 1.08
N LEU A 15 -19.82 -5.77 0.86
CA LEU A 15 -20.32 -6.94 1.56
C LEU A 15 -19.82 -8.20 0.86
N ARG A 16 -19.11 -9.05 1.59
CA ARG A 16 -18.51 -10.26 1.03
C ARG A 16 -19.22 -11.48 1.58
N PHE A 17 -19.61 -12.39 0.69
CA PHE A 17 -20.37 -13.57 1.03
C PHE A 17 -19.71 -14.79 0.41
N GLY A 18 -19.83 -15.94 1.05
CA GLY A 18 -19.29 -17.17 0.50
C GLY A 18 -20.16 -17.72 -0.59
N ALA A 19 -19.66 -18.74 -1.29
CA ALA A 19 -20.45 -19.35 -2.35
C ALA A 19 -20.21 -20.86 -2.49
N THR A 20 -19.56 -21.50 -1.53
CA THR A 20 -19.41 -22.96 -1.53
C THR A 20 -20.17 -23.49 -0.34
N LEU A 21 -21.23 -24.21 -0.61
CA LEU A 21 -22.08 -24.72 0.45
C LEU A 21 -21.29 -25.72 1.29
N LYS A 22 -21.38 -25.58 2.60
CA LYS A 22 -20.69 -26.46 3.53
C LYS A 22 -21.58 -27.67 3.79
N GLU A 23 -21.36 -28.73 3.00
CA GLU A 23 -22.06 -29.99 3.24
C GLU A 23 -21.43 -30.71 4.42
N ASP A 24 -22.09 -30.64 5.57
CA ASP A 24 -21.49 -31.16 6.79
C ASP A 24 -22.59 -31.47 7.80
N GLU A 25 -22.26 -32.32 8.75
CA GLU A 25 -23.00 -32.38 10.00
C GLU A 25 -22.59 -31.20 10.87
N LYS A 26 -23.44 -30.85 11.82
CA LYS A 26 -23.20 -29.68 12.66
C LYS A 26 -23.15 -28.40 11.82
N LYS A 27 -23.91 -28.39 10.72
CA LYS A 27 -24.14 -27.19 9.93
C LYS A 27 -25.50 -27.35 9.27
N CYS A 28 -26.39 -26.38 9.45
CA CYS A 28 -27.75 -26.52 8.99
C CYS A 28 -27.82 -26.51 7.49
N LYS A 29 -28.54 -27.47 6.92
CA LYS A 29 -28.67 -27.52 5.47
C LYS A 29 -29.44 -26.30 4.96
N SER A 30 -28.83 -25.60 4.02
CA SER A 30 -29.43 -24.43 3.42
C SER A 30 -29.34 -24.57 1.91
N HIS A 31 -30.09 -23.72 1.21
CA HIS A 31 -30.10 -23.73 -0.24
C HIS A 31 -30.46 -25.10 -0.80
N GLU A 32 -31.36 -25.81 -0.11
CA GLU A 32 -31.69 -27.17 -0.48
C GLU A 32 -32.83 -27.25 -1.48
N GLU A 33 -33.42 -26.12 -1.88
CA GLU A 33 -34.48 -26.14 -2.87
C GLU A 33 -33.92 -26.39 -4.27
N LEU A 34 -32.83 -25.72 -4.62
CA LEU A 34 -32.16 -25.88 -5.89
C LEU A 34 -30.80 -26.54 -5.72
N LYS A 35 -30.62 -27.23 -4.60
CA LYS A 35 -29.33 -27.83 -4.26
C LYS A 35 -28.77 -28.65 -5.40
N GLY A 36 -29.61 -29.48 -6.03
CA GLY A 36 -29.13 -30.26 -7.16
C GLY A 36 -28.37 -29.42 -8.15
N PHE A 37 -29.01 -28.38 -8.67
CA PHE A 37 -28.36 -27.54 -9.66
C PHE A 37 -27.10 -26.91 -9.11
N VAL A 38 -27.12 -26.48 -7.85
CA VAL A 38 -25.93 -25.90 -7.24
C VAL A 38 -24.77 -26.87 -7.38
N ASP A 39 -25.00 -28.13 -7.03
CA ASP A 39 -23.94 -29.13 -7.15
C ASP A 39 -23.35 -29.13 -8.54
N ILE A 40 -24.22 -29.21 -9.56
CA ILE A 40 -23.72 -29.28 -10.93
C ILE A 40 -22.83 -28.09 -11.21
N SER A 41 -23.30 -26.89 -10.88
CA SER A 41 -22.53 -25.70 -11.18
C SER A 41 -21.17 -25.75 -10.50
N TYR A 42 -21.12 -26.24 -9.26
CA TYR A 42 -19.85 -26.32 -8.57
C TYR A 42 -18.91 -27.25 -9.33
N GLU A 43 -19.37 -28.42 -9.74
CA GLU A 43 -18.50 -29.32 -10.46
C GLU A 43 -18.21 -28.79 -11.86
N ASN A 44 -18.98 -27.81 -12.32
CA ASN A 44 -18.59 -27.10 -13.52
C ASN A 44 -17.42 -26.17 -13.25
N MET A 45 -17.49 -25.42 -12.14
CA MET A 45 -16.46 -24.44 -11.83
C MET A 45 -15.14 -25.09 -11.45
N LYS A 46 -15.18 -26.25 -10.77
CA LYS A 46 -13.95 -26.99 -10.55
C LYS A 46 -13.27 -27.37 -11.85
N SER A 47 -14.05 -27.56 -12.93
CA SER A 47 -13.45 -27.85 -14.21
C SER A 47 -12.56 -26.71 -14.68
N SER A 48 -12.91 -25.48 -14.30
CA SER A 48 -12.12 -24.33 -14.72
C SER A 48 -11.06 -23.97 -13.70
N ALA A 49 -11.37 -24.15 -12.42
CA ALA A 49 -10.40 -23.88 -11.36
C ALA A 49 -9.23 -24.84 -11.43
N THR A 50 -8.15 -24.40 -12.03
CA THR A 50 -6.97 -25.23 -12.27
C THR A 50 -6.10 -25.21 -11.02
N ILE A 51 -5.54 -26.36 -10.67
CA ILE A 51 -4.72 -26.46 -9.48
C ILE A 51 -3.83 -27.69 -9.57
N ALA A 52 -2.60 -27.54 -9.08
CA ALA A 52 -1.66 -28.65 -8.94
C ALA A 52 -0.78 -28.42 -7.72
N GLU A 53 -1.19 -28.94 -6.56
CA GLU A 53 -0.48 -28.72 -5.31
C GLU A 53 0.80 -29.54 -5.24
N SER A 54 1.23 -30.07 -6.39
CA SER A 54 2.32 -31.05 -6.46
C SER A 54 3.63 -30.50 -5.91
N LEU A 55 3.75 -29.18 -5.79
CA LEU A 55 4.95 -28.61 -5.20
C LEU A 55 5.07 -29.05 -3.74
N ASN A 56 5.97 -30.00 -3.50
CA ASN A 56 6.22 -30.45 -2.14
C ASN A 56 6.78 -29.28 -1.33
N GLU A 57 6.63 -29.38 -0.02
CA GLU A 57 7.07 -28.29 0.86
C GLU A 57 8.56 -28.06 0.70
N ASN A 58 9.31 -29.10 0.34
CA ASN A 58 10.75 -28.93 0.09
C ASN A 58 11.00 -27.98 -1.08
N GLU A 59 10.34 -28.22 -2.21
CA GLU A 59 10.57 -27.37 -3.38
C GLU A 59 10.02 -25.97 -3.15
N LEU A 60 8.93 -25.87 -2.39
CA LEU A 60 8.41 -24.55 -2.03
C LEU A 60 9.43 -23.77 -1.19
N VAL A 61 10.09 -24.45 -0.24
CA VAL A 61 11.11 -23.77 0.53
C VAL A 61 12.30 -23.40 -0.33
N LYS A 62 12.68 -24.26 -1.27
CA LYS A 62 13.78 -23.92 -2.15
C LYS A 62 13.49 -22.64 -2.93
N LYS A 63 12.31 -22.58 -3.55
CA LYS A 63 11.95 -21.39 -4.32
C LYS A 63 11.83 -20.17 -3.42
N CYS A 64 11.30 -20.34 -2.21
CA CYS A 64 11.17 -19.21 -1.29
C CYS A 64 12.54 -18.68 -0.86
N GLU A 65 13.49 -19.56 -0.61
CA GLU A 65 14.82 -19.11 -0.20
C GLU A 65 15.50 -18.34 -1.33
N ARG A 66 15.40 -18.86 -2.56
CA ARG A 66 15.99 -18.13 -3.67
C ARG A 66 15.34 -16.77 -3.86
N CYS A 67 14.00 -16.71 -3.76
CA CYS A 67 13.32 -15.44 -3.90
C CYS A 67 13.68 -14.47 -2.80
N TYR A 68 13.82 -14.95 -1.57
CA TYR A 68 14.19 -14.06 -0.48
C TYR A 68 15.57 -13.48 -0.71
N SER A 69 16.52 -14.30 -1.14
CA SER A 69 17.86 -13.78 -1.40
C SER A 69 17.84 -12.73 -2.50
N GLU A 70 17.14 -13.00 -3.60
CA GLU A 70 17.08 -12.02 -4.68
C GLU A 70 16.40 -10.73 -4.23
N ILE A 71 15.30 -10.84 -3.49
CA ILE A 71 14.59 -9.65 -3.03
C ILE A 71 15.45 -8.83 -2.09
N VAL A 72 16.21 -9.50 -1.21
CA VAL A 72 17.09 -8.77 -0.30
C VAL A 72 18.16 -8.02 -1.08
N LYS A 73 18.73 -8.66 -2.10
CA LYS A 73 19.75 -7.97 -2.90
C LYS A 73 19.16 -6.73 -3.58
N PHE A 74 18.01 -6.89 -4.22
CA PHE A 74 17.40 -5.74 -4.90
C PHE A 74 17.05 -4.65 -3.91
N HIS A 75 16.52 -5.01 -2.75
CA HIS A 75 16.10 -4.03 -1.76
C HIS A 75 17.29 -3.24 -1.23
N ASN A 76 18.40 -3.94 -0.95
CA ASN A 76 19.60 -3.25 -0.51
C ASN A 76 20.12 -2.31 -1.58
N ALA A 77 20.01 -2.71 -2.85
CA ALA A 77 20.45 -1.82 -3.93
C ALA A 77 19.56 -0.59 -4.05
N TRP A 78 18.24 -0.77 -3.95
CA TRP A 78 17.31 0.33 -4.16
C TRP A 78 17.30 1.29 -2.98
N GLU A 79 17.65 0.82 -1.79
CA GLU A 79 17.63 1.70 -0.63
C GLU A 79 18.55 2.90 -0.79
N LYS A 80 19.55 2.81 -1.66
CA LYS A 80 20.52 3.88 -1.81
C LYS A 80 20.23 4.79 -2.99
N ILE A 81 19.12 4.60 -3.69
CA ILE A 81 18.92 5.25 -4.98
C ILE A 81 17.61 6.01 -5.04
N TYR A 82 16.64 5.63 -4.20
CA TYR A 82 15.32 6.25 -4.32
C TYR A 82 15.37 7.76 -4.07
N TYR A 83 16.32 8.23 -3.27
CA TYR A 83 16.39 9.64 -2.92
C TYR A 83 17.20 10.46 -3.90
N ARG A 84 17.83 9.83 -4.90
CA ARG A 84 18.61 10.57 -5.90
C ARG A 84 17.62 11.28 -6.81
N THR A 85 17.13 12.42 -6.34
CA THR A 85 16.19 13.19 -7.14
C THR A 85 16.84 13.83 -8.35
N ASP A 86 18.17 13.81 -8.45
CA ASP A 86 18.81 14.41 -9.60
C ASP A 86 19.03 13.42 -10.72
N GLN A 87 18.98 12.12 -10.45
CA GLN A 87 19.19 11.11 -11.47
C GLN A 87 17.90 10.43 -11.92
N ILE A 88 16.91 10.32 -11.05
CA ILE A 88 15.69 9.60 -11.39
C ILE A 88 14.80 10.48 -12.26
N ALA A 89 14.06 9.87 -13.17
CA ALA A 89 13.11 10.56 -14.02
C ALA A 89 12.02 9.60 -14.41
N VAL A 90 10.77 9.98 -14.14
CA VAL A 90 9.62 9.10 -14.33
C VAL A 90 8.89 9.54 -15.58
N TYR A 91 8.32 8.58 -16.30
CA TYR A 91 7.54 8.95 -17.48
C TYR A 91 6.17 9.47 -17.07
N LYS A 92 5.50 10.14 -18.00
CA LYS A 92 4.29 10.89 -17.66
C LYS A 92 3.20 9.99 -17.12
N ASP A 93 2.99 8.84 -17.76
CA ASP A 93 1.95 7.91 -17.31
C ASP A 93 2.23 7.41 -15.91
N PHE A 94 3.48 7.00 -15.66
CA PHE A 94 3.84 6.59 -14.32
C PHE A 94 3.83 7.75 -13.35
N TYR A 95 4.10 8.97 -13.84
CA TYR A 95 4.01 10.11 -12.94
C TYR A 95 2.57 10.31 -12.47
N ARG A 96 1.61 10.14 -13.36
CA ARG A 96 0.21 10.23 -12.93
C ARG A 96 -0.15 9.10 -11.98
N GLN A 97 0.36 7.90 -12.23
CA GLN A 97 0.13 6.81 -11.28
C GLN A 97 0.70 7.13 -9.91
N LEU A 98 1.89 7.75 -9.88
CA LEU A 98 2.45 8.20 -8.61
C LEU A 98 1.56 9.24 -7.95
N SER A 99 1.07 10.19 -8.73
CA SER A 99 0.25 11.26 -8.17
C SER A 99 -1.10 10.77 -7.69
N ARG A 100 -1.52 9.59 -8.12
CA ARG A 100 -2.69 8.97 -7.51
C ARG A 100 -2.34 8.13 -6.29
N LYS A 101 -1.27 7.33 -6.36
CA LYS A 101 -0.90 6.45 -5.25
C LYS A 101 -0.37 7.24 -4.07
N ALA A 102 0.74 7.95 -4.25
CA ALA A 102 0.98 9.09 -3.38
C ALA A 102 -0.06 10.15 -3.71
N ARG A 103 -0.31 11.04 -2.77
CA ARG A 103 -1.44 11.96 -2.93
C ARG A 103 -0.90 13.38 -3.11
N PHE A 104 -0.68 13.76 -4.37
CA PHE A 104 -0.37 15.13 -4.71
C PHE A 104 -0.97 15.43 -6.07
N ASP A 105 -1.37 16.69 -6.26
CA ASP A 105 -1.94 17.08 -7.54
C ASP A 105 -0.82 17.20 -8.57
N ALA A 106 -0.95 16.46 -9.66
CA ALA A 106 0.15 16.32 -10.60
C ALA A 106 0.59 17.65 -11.19
N GLY A 107 -0.27 18.66 -11.23
CA GLY A 107 0.07 19.86 -11.96
C GLY A 107 -0.02 19.58 -13.45
N LYS A 108 0.55 20.49 -14.24
CA LYS A 108 0.67 20.29 -15.68
C LYS A 108 2.13 20.29 -16.05
N GLN A 109 2.61 19.16 -16.55
CA GLN A 109 4.02 18.97 -16.87
C GLN A 109 4.20 19.06 -18.38
N ASN A 110 5.16 19.88 -18.81
CA ASN A 110 5.33 20.13 -20.24
C ASN A 110 6.06 18.99 -20.92
N SER A 111 6.82 18.20 -20.19
CA SER A 111 7.69 17.20 -20.80
C SER A 111 7.19 15.78 -20.54
N GLN A 112 7.53 14.89 -21.47
CA GLN A 112 7.12 13.50 -21.36
C GLN A 112 7.92 12.77 -20.27
N LEU A 113 9.22 12.95 -20.25
CA LEU A 113 10.10 12.34 -19.26
C LEU A 113 10.33 13.39 -18.17
N ILE A 114 9.60 13.27 -17.07
CA ILE A 114 9.60 14.24 -16.00
C ILE A 114 10.73 13.86 -15.05
N THR A 115 11.82 14.60 -15.10
CA THR A 115 12.92 14.37 -14.16
C THR A 115 12.52 14.89 -12.79
N LEU A 116 12.78 14.10 -11.75
CA LEU A 116 12.39 14.51 -10.41
C LEU A 116 13.06 15.80 -9.98
N ALA A 117 14.21 16.12 -10.56
CA ALA A 117 14.85 17.39 -10.25
C ALA A 117 14.06 18.57 -10.78
N SER A 118 13.20 18.37 -11.78
CA SER A 118 12.43 19.44 -12.35
C SER A 118 11.11 19.68 -11.65
N LEU A 119 10.76 18.85 -10.68
CA LEU A 119 9.54 19.05 -9.89
C LEU A 119 9.84 19.97 -8.71
N CYS A 120 10.37 21.15 -9.06
CA CYS A 120 10.62 22.18 -8.05
C CYS A 120 9.33 22.79 -7.51
N GLY A 121 8.22 22.62 -8.22
CA GLY A 121 6.99 23.25 -7.81
C GLY A 121 6.53 22.76 -6.45
N MET A 122 5.96 23.67 -5.68
CA MET A 122 5.52 23.37 -4.33
C MET A 122 4.08 22.87 -4.33
N TYR A 123 3.77 22.08 -3.31
CA TYR A 123 2.41 21.58 -3.11
C TYR A 123 2.21 21.45 -1.61
N GLN A 124 1.44 22.37 -1.03
CA GLN A 124 1.13 22.34 0.39
C GLN A 124 2.39 22.29 1.24
N GLY A 125 3.37 23.12 0.87
CA GLY A 125 4.56 23.28 1.68
C GLY A 125 5.68 22.31 1.41
N ALA A 126 5.53 21.40 0.45
CA ALA A 126 6.58 20.46 0.13
C ALA A 126 6.72 20.35 -1.38
N LYS A 127 7.96 20.14 -1.83
CA LYS A 127 8.20 19.96 -3.26
C LYS A 127 7.43 18.74 -3.75
N LEU A 128 7.17 18.70 -5.06
CA LEU A 128 6.52 17.51 -5.60
C LEU A 128 7.46 16.32 -5.61
N SER A 129 8.77 16.56 -5.63
CA SER A 129 9.71 15.44 -5.61
C SER A 129 9.78 14.82 -4.21
N ARG A 130 9.56 15.62 -3.18
CA ARG A 130 9.56 15.08 -1.83
C ARG A 130 8.41 14.13 -1.61
N TYR A 131 7.25 14.37 -2.21
CA TYR A 131 6.16 13.41 -2.08
C TYR A 131 6.55 12.05 -2.64
N ILE A 132 7.19 12.05 -3.81
CA ILE A 132 7.57 10.80 -4.45
C ILE A 132 8.63 10.08 -3.65
N THR A 133 9.66 10.81 -3.20
CA THR A 133 10.71 10.13 -2.44
C THR A 133 10.19 9.64 -1.11
N ASN A 134 9.21 10.35 -0.51
CA ASN A 134 8.61 9.88 0.73
C ASN A 134 7.79 8.63 0.51
N TYR A 135 7.04 8.57 -0.59
CA TYR A 135 6.28 7.37 -0.90
C TYR A 135 7.19 6.17 -1.09
N TRP A 136 8.30 6.36 -1.81
CA TRP A 136 9.27 5.27 -1.98
C TRP A 136 9.94 4.91 -0.67
N LYS A 137 10.20 5.89 0.20
CA LYS A 137 10.81 5.61 1.49
C LYS A 137 9.89 4.76 2.36
N ASP A 138 8.60 5.10 2.38
CA ASP A 138 7.65 4.28 3.13
C ASP A 138 7.56 2.87 2.55
N ASN A 139 7.54 2.76 1.22
CA ASN A 139 7.51 1.44 0.62
C ASN A 139 8.72 0.62 1.03
N ILE A 140 9.89 1.25 1.10
CA ILE A 140 11.10 0.54 1.50
C ILE A 140 11.02 0.10 2.96
N THR A 141 10.50 0.97 3.83
CA THR A 141 10.37 0.57 5.24
C THR A 141 9.43 -0.62 5.41
N ARG A 142 8.30 -0.60 4.69
CA ARG A 142 7.40 -1.75 4.77
C ARG A 142 8.04 -3.00 4.18
N GLN A 143 8.83 -2.85 3.11
CA GLN A 143 9.60 -3.98 2.60
C GLN A 143 10.51 -4.55 3.67
N LYS A 144 11.17 -3.68 4.44
CA LYS A 144 12.05 -4.16 5.50
C LYS A 144 11.29 -4.96 6.54
N SER A 145 10.15 -4.44 6.98
CA SER A 145 9.35 -5.14 7.99
C SER A 145 8.94 -6.52 7.49
N PHE A 146 8.41 -6.58 6.26
CA PHE A 146 7.92 -7.86 5.78
C PHE A 146 9.05 -8.81 5.41
N LEU A 147 10.20 -8.30 5.01
CA LEU A 147 11.34 -9.18 4.79
C LEU A 147 11.79 -9.80 6.10
N LYS A 148 11.83 -9.02 7.18
CA LYS A 148 12.16 -9.60 8.48
C LYS A 148 11.17 -10.69 8.87
N ASP A 149 9.88 -10.38 8.78
CA ASP A 149 8.85 -11.35 9.14
C ASP A 149 8.93 -12.61 8.30
N PHE A 150 9.03 -12.46 6.98
CA PHE A 150 9.08 -13.60 6.09
C PHE A 150 10.36 -14.40 6.28
N SER A 151 11.47 -13.74 6.59
CA SER A 151 12.69 -14.49 6.88
C SER A 151 12.52 -15.36 8.12
N GLN A 152 11.91 -14.81 9.17
CA GLN A 152 11.67 -15.62 10.36
C GLN A 152 10.79 -16.82 10.05
N GLN A 153 9.72 -16.60 9.28
CA GLN A 153 8.81 -17.70 8.94
C GLN A 153 9.51 -18.76 8.12
N LEU A 154 10.27 -18.34 7.10
CA LEU A 154 10.96 -19.30 6.25
C LEU A 154 12.01 -20.08 7.03
N HIS A 155 12.70 -19.41 7.96
CA HIS A 155 13.69 -20.10 8.77
C HIS A 155 13.04 -21.18 9.63
N GLN A 156 11.95 -20.84 10.31
CA GLN A 156 11.26 -21.85 11.12
C GLN A 156 10.74 -22.98 10.24
N TYR A 157 10.25 -22.66 9.05
CA TYR A 157 9.67 -23.68 8.17
C TYR A 157 10.73 -24.68 7.72
N THR A 158 11.88 -24.18 7.27
CA THR A 158 12.91 -25.09 6.77
C THR A 158 13.59 -25.83 7.92
N ARG A 159 13.68 -25.19 9.09
CA ARG A 159 14.15 -25.92 10.26
C ARG A 159 13.22 -27.08 10.59
N ALA A 160 11.90 -26.85 10.47
CA ALA A 160 10.96 -27.92 10.72
C ALA A 160 11.08 -29.04 9.70
N LEU A 161 11.29 -28.69 8.43
CA LEU A 161 11.47 -29.75 7.43
C LEU A 161 12.76 -30.53 7.66
N GLU A 162 13.80 -29.87 8.17
CA GLU A 162 15.05 -30.58 8.46
C GLU A 162 14.83 -31.69 9.49
N LYS A 163 14.47 -31.31 10.72
CA LYS A 163 14.18 -32.26 11.78
C LYS A 163 12.75 -32.73 11.61
N SER A 164 12.59 -33.92 11.02
CA SER A 164 11.27 -34.39 10.65
C SER A 164 10.35 -34.53 11.85
N ASP A 165 10.90 -34.75 13.05
CA ASP A 165 10.08 -34.85 14.24
C ASP A 165 9.60 -33.49 14.74
N LYS A 166 10.40 -32.44 14.51
CA LYS A 166 10.05 -31.09 14.95
C LYS A 166 9.10 -30.41 13.96
N ALA A 167 7.89 -30.95 13.87
CA ALA A 167 6.85 -30.34 13.04
C ALA A 167 6.12 -29.21 13.77
N HIS A 168 6.30 -29.09 15.08
CA HIS A 168 5.64 -28.03 15.84
C HIS A 168 6.10 -26.64 15.43
N THR A 169 7.30 -26.54 14.85
CA THR A 169 7.82 -25.23 14.44
C THR A 169 7.37 -24.83 13.04
N LYS A 170 6.61 -25.67 12.33
CA LYS A 170 6.10 -25.29 11.03
C LYS A 170 5.20 -24.06 11.17
N PRO A 171 5.45 -22.99 10.44
CA PRO A 171 4.62 -21.79 10.58
C PRO A 171 3.24 -22.04 10.01
N ASN A 172 2.26 -21.35 10.59
CA ASN A 172 0.90 -21.41 10.10
C ASN A 172 0.93 -21.08 8.63
N LEU A 173 0.44 -21.98 7.78
CA LEU A 173 0.58 -21.77 6.35
C LEU A 173 -0.31 -20.65 5.86
N ILE A 174 -1.34 -20.30 6.62
CA ILE A 174 -2.17 -19.14 6.29
C ILE A 174 -1.34 -17.88 6.34
N ASN A 175 -0.61 -17.69 7.43
CA ASN A 175 0.23 -16.51 7.59
C ASN A 175 1.38 -16.55 6.61
N PHE A 176 1.90 -17.73 6.30
CA PHE A 176 2.94 -17.84 5.29
C PHE A 176 2.45 -17.29 3.95
N ASN A 177 1.28 -17.77 3.49
CA ASN A 177 0.74 -17.29 2.23
C ASN A 177 0.49 -15.79 2.27
N LYS A 178 -0.13 -15.31 3.35
CA LYS A 178 -0.51 -13.90 3.38
C LYS A 178 0.72 -12.98 3.45
N THR A 179 1.71 -13.35 4.27
CA THR A 179 2.91 -12.54 4.36
C THR A 179 3.66 -12.51 3.03
N PHE A 180 3.77 -13.64 2.34
CA PHE A 180 4.47 -13.56 1.07
C PHE A 180 3.69 -12.75 0.05
N MET A 181 2.36 -12.85 0.03
CA MET A 181 1.64 -12.07 -0.96
C MET A 181 1.80 -10.58 -0.70
N VAL A 182 1.78 -10.17 0.56
CA VAL A 182 1.97 -8.75 0.87
C VAL A 182 3.38 -8.31 0.50
N LEU A 183 4.38 -9.13 0.82
CA LEU A 183 5.76 -8.77 0.47
C LEU A 183 5.95 -8.68 -1.04
N ALA A 184 5.35 -9.61 -1.79
CA ALA A 184 5.48 -9.59 -3.24
C ALA A 184 4.79 -8.37 -3.83
N ASN A 185 3.65 -7.98 -3.29
CA ASN A 185 3.03 -6.73 -3.75
C ASN A 185 3.92 -5.54 -3.50
N LEU A 186 4.52 -5.46 -2.30
CA LEU A 186 5.40 -4.34 -2.00
C LEU A 186 6.60 -4.31 -2.94
N VAL A 187 7.23 -5.46 -3.18
CA VAL A 187 8.42 -5.49 -4.02
C VAL A 187 8.07 -5.18 -5.46
N ASN A 188 7.02 -5.80 -5.99
CA ASN A 188 6.61 -5.58 -7.36
C ASN A 188 6.20 -4.14 -7.62
N GLU A 189 5.67 -3.44 -6.61
CA GLU A 189 5.28 -2.05 -6.78
C GLU A 189 6.43 -1.17 -7.24
N ILE A 190 7.67 -1.63 -7.12
CA ILE A 190 8.84 -0.90 -7.57
C ILE A 190 9.64 -1.67 -8.61
N VAL A 191 9.58 -3.00 -8.58
CA VAL A 191 10.30 -3.78 -9.58
C VAL A 191 9.64 -3.66 -10.95
N ILE A 192 8.31 -3.60 -10.99
CA ILE A 192 7.63 -3.45 -12.27
C ILE A 192 7.97 -2.14 -12.96
N PRO A 193 7.86 -0.97 -12.31
CA PRO A 193 8.25 0.27 -12.99
C PRO A 193 9.67 0.27 -13.47
N LEU A 194 10.60 -0.27 -12.69
CA LEU A 194 11.96 -0.42 -13.18
C LEU A 194 12.07 -1.43 -14.31
N SER A 195 11.29 -2.50 -14.24
CA SER A 195 11.39 -3.55 -15.25
C SER A 195 10.99 -3.05 -16.62
N ASN A 196 9.86 -2.34 -16.71
CA ASN A 196 9.40 -1.92 -18.03
C ASN A 196 9.81 -0.50 -18.38
N GLY A 197 10.57 0.17 -17.53
CA GLY A 197 11.26 1.38 -17.90
C GLY A 197 10.59 2.69 -17.60
N ALA A 198 9.64 2.73 -16.66
CA ALA A 198 9.02 3.99 -16.31
C ALA A 198 9.95 4.83 -15.44
N ILE A 199 10.43 4.26 -14.34
CA ILE A 199 11.51 4.90 -13.60
C ILE A 199 12.78 4.74 -14.42
N SER A 200 13.26 5.84 -15.01
CA SER A 200 14.45 5.81 -15.83
C SER A 200 15.52 6.67 -15.21
N PHE A 201 16.74 6.51 -15.72
CA PHE A 201 17.91 7.26 -15.28
C PHE A 201 18.50 7.92 -16.52
N PRO A 202 18.06 9.14 -16.85
CA PRO A 202 18.41 9.71 -18.15
C PRO A 202 19.83 10.22 -18.25
N ASN A 203 20.47 10.53 -17.13
CA ASN A 203 21.85 11.02 -17.13
C ASN A 203 22.86 9.90 -17.14
N ILE A 204 22.48 8.70 -17.59
CA ILE A 204 23.32 7.54 -17.36
C ILE A 204 24.54 7.57 -18.26
N SER A 205 24.45 8.23 -19.41
CA SER A 205 25.58 8.29 -20.34
C SER A 205 26.65 9.28 -19.91
N LYS A 206 26.27 10.36 -19.24
CA LYS A 206 27.25 11.33 -18.75
C LYS A 206 28.02 10.80 -17.54
N LEU A 207 27.43 9.89 -16.77
CA LEU A 207 28.04 9.47 -15.52
C LEU A 207 29.36 8.76 -15.76
N GLU A 208 30.23 8.86 -14.78
CA GLU A 208 31.54 8.21 -14.80
C GLU A 208 31.55 7.06 -13.80
N ASP A 209 32.25 5.98 -14.16
CA ASP A 209 32.45 4.90 -13.22
C ASP A 209 33.34 5.37 -12.07
N GLY A 210 33.40 4.54 -11.03
CA GLY A 210 34.11 4.91 -9.83
C GLY A 210 33.18 5.24 -8.69
N GLU A 211 33.03 6.52 -8.39
CA GLU A 211 32.17 6.93 -7.29
C GLU A 211 30.69 6.65 -7.56
N GLU A 212 30.30 6.61 -8.84
CA GLU A 212 28.92 6.30 -9.19
C GLU A 212 28.83 5.11 -10.14
N SER A 213 29.42 3.98 -9.76
CA SER A 213 29.24 2.76 -10.53
C SER A 213 28.04 1.96 -10.03
N HIS A 214 27.67 2.14 -8.76
CA HIS A 214 26.50 1.41 -8.25
C HIS A 214 25.25 1.87 -8.97
N LEU A 215 25.12 3.16 -9.24
CA LEU A 215 23.94 3.65 -9.94
C LEU A 215 23.89 3.11 -11.36
N ILE A 216 25.04 3.03 -12.04
CA ILE A 216 25.07 2.48 -13.38
C ILE A 216 24.67 1.01 -13.37
N GLU A 217 25.21 0.25 -12.41
CA GLU A 217 24.86 -1.16 -12.32
C GLU A 217 23.40 -1.36 -11.99
N PHE A 218 22.82 -0.47 -11.18
CA PHE A 218 21.39 -0.57 -10.89
C PHE A 218 20.54 -0.13 -12.07
N ALA A 219 21.05 0.77 -12.90
CA ALA A 219 20.31 1.18 -14.09
C ALA A 219 20.33 0.08 -15.14
N LEU A 220 21.41 -0.70 -15.20
CA LEU A 220 21.55 -1.73 -16.22
C LEU A 220 21.12 -3.12 -15.76
N ASN A 221 20.49 -3.24 -14.60
CA ASN A 221 20.10 -4.56 -14.09
C ASN A 221 19.04 -5.17 -14.98
N ASP A 222 18.86 -6.48 -14.83
CA ASP A 222 17.78 -7.21 -15.48
C ASP A 222 16.84 -7.71 -14.41
N TYR A 223 15.62 -7.16 -14.38
CA TYR A 223 14.61 -7.58 -13.43
C TYR A 223 13.66 -8.60 -14.02
N SER A 224 14.09 -9.35 -15.02
CA SER A 224 13.30 -10.46 -15.53
C SER A 224 13.35 -11.64 -14.58
N GLN A 225 14.54 -11.97 -14.09
CA GLN A 225 14.69 -13.16 -13.26
C GLN A 225 13.97 -13.00 -11.93
N LEU A 226 14.17 -11.87 -11.25
CA LEU A 226 13.51 -11.64 -9.97
C LEU A 226 12.00 -11.61 -10.13
N SER A 227 11.50 -10.93 -11.17
CA SER A 227 10.06 -10.84 -11.38
C SER A 227 9.48 -12.20 -11.70
N GLU A 228 10.18 -13.00 -12.50
CA GLU A 228 9.69 -14.34 -12.81
C GLU A 228 9.69 -15.23 -11.60
N LEU A 229 10.67 -15.07 -10.71
CA LEU A 229 10.73 -15.90 -9.51
C LEU A 229 9.60 -15.54 -8.54
N ILE A 230 9.34 -14.24 -8.37
CA ILE A 230 8.17 -13.83 -7.59
C ILE A 230 6.90 -14.37 -8.21
N GLY A 231 6.80 -14.36 -9.54
CA GLY A 231 5.63 -14.94 -10.19
C GLY A 231 5.49 -16.42 -9.96
N GLU A 232 6.60 -17.14 -9.94
CA GLU A 232 6.58 -18.57 -9.63
C GLU A 232 6.00 -18.82 -8.25
N LEU A 233 6.50 -18.08 -7.25
CA LEU A 233 5.94 -18.27 -5.92
C LEU A 233 4.47 -17.84 -5.83
N LYS A 234 4.11 -16.76 -6.51
CA LYS A 234 2.71 -16.34 -6.42
C LYS A 234 1.80 -17.38 -7.03
N ASP A 235 2.21 -18.03 -8.12
CA ASP A 235 1.43 -19.15 -8.65
C ASP A 235 1.40 -20.32 -7.67
N ALA A 236 2.54 -20.64 -7.05
CA ALA A 236 2.60 -21.76 -6.13
C ALA A 236 1.67 -21.56 -4.94
N ILE A 237 1.63 -20.33 -4.42
CA ILE A 237 0.73 -19.99 -3.33
C ILE A 237 -0.72 -19.96 -3.80
N ALA A 238 -0.97 -19.44 -5.01
CA ALA A 238 -2.34 -19.45 -5.52
C ALA A 238 -2.84 -20.85 -5.79
N THR A 239 -2.00 -21.87 -5.68
CA THR A 239 -2.43 -23.28 -5.94
C THR A 239 -2.66 -23.99 -4.62
N ASN A 240 -2.37 -23.33 -3.51
CA ASN A 240 -2.61 -23.94 -2.18
C ASN A 240 -3.00 -22.88 -1.17
N GLY A 241 -4.13 -22.22 -1.36
CA GLY A 241 -4.61 -21.33 -0.31
C GLY A 241 -4.58 -19.89 -0.72
N GLY A 242 -4.75 -19.62 -1.99
CA GLY A 242 -4.58 -18.24 -2.41
C GLY A 242 -5.73 -17.79 -3.26
N TYR A 243 -6.13 -16.55 -3.09
CA TYR A 243 -7.34 -16.08 -3.79
C TYR A 243 -7.01 -15.85 -5.25
N THR A 244 -7.86 -16.28 -6.18
CA THR A 244 -7.54 -16.17 -7.61
C THR A 244 -8.75 -15.74 -8.43
N PRO A 245 -8.94 -14.46 -8.75
CA PRO A 245 -10.05 -13.96 -9.54
C PRO A 245 -10.77 -14.93 -10.46
N PHE A 246 -12.09 -15.03 -10.35
CA PHE A 246 -12.83 -15.99 -11.15
C PHE A 246 -13.73 -15.32 -12.17
N ALA A 247 -14.50 -14.31 -11.76
CA ALA A 247 -15.39 -13.63 -12.68
C ALA A 247 -15.75 -12.27 -12.11
N LYS A 248 -16.24 -11.39 -12.99
CA LYS A 248 -16.79 -10.10 -12.61
C LYS A 248 -18.19 -10.02 -13.18
N VAL A 249 -19.20 -10.12 -12.32
CA VAL A 249 -20.58 -10.25 -12.75
C VAL A 249 -21.25 -8.90 -12.71
N THR A 250 -22.10 -8.64 -13.70
CA THR A 250 -22.92 -7.45 -13.75
C THR A 250 -24.39 -7.83 -13.62
N LEU A 251 -25.13 -7.00 -12.89
CA LEU A 251 -26.54 -7.25 -12.65
C LEU A 251 -27.44 -6.43 -13.55
N ASN A 252 -26.88 -5.56 -14.38
CA ASN A 252 -27.63 -4.73 -15.30
C ASN A 252 -27.52 -5.29 -16.71
N HIS A 253 -28.65 -5.44 -17.38
CA HIS A 253 -28.60 -6.05 -18.71
C HIS A 253 -28.23 -5.05 -19.80
N TYR A 254 -28.05 -3.78 -19.47
CA TYR A 254 -27.58 -2.77 -20.42
C TYR A 254 -26.07 -2.58 -20.35
N THR A 255 -25.44 -3.06 -19.28
CA THR A 255 -23.98 -3.12 -19.17
C THR A 255 -23.45 -4.46 -19.66
N ALA A 256 -24.32 -5.40 -19.98
CA ALA A 256 -23.91 -6.71 -20.43
C ALA A 256 -24.13 -6.97 -21.90
N GLU A 257 -24.79 -6.07 -22.63
CA GLU A 257 -25.00 -6.25 -24.06
C GLU A 257 -24.11 -5.38 -24.92
N GLN A 258 -23.17 -4.64 -24.32
CA GLN A 258 -22.25 -3.82 -25.08
C GLN A 258 -21.39 -4.68 -25.99
N LYS A 259 -21.09 -4.15 -27.16
CA LYS A 259 -20.16 -4.87 -28.04
C LYS A 259 -18.75 -4.33 -27.86
N PRO A 260 -17.76 -5.18 -27.66
CA PRO A 260 -16.39 -4.69 -27.45
C PRO A 260 -15.57 -4.64 -28.73
N HIS A 261 -16.20 -4.92 -29.87
CA HIS A 261 -15.53 -4.91 -31.16
C HIS A 261 -15.73 -3.60 -31.90
N VAL A 262 -16.25 -2.57 -31.21
CA VAL A 262 -16.47 -1.28 -31.85
C VAL A 262 -15.15 -0.62 -32.21
N PHE A 263 -14.17 -0.67 -31.29
CA PHE A 263 -12.91 0.03 -31.44
C PHE A 263 -11.91 -0.67 -32.35
N LYS A 264 -12.17 -1.94 -32.70
CA LYS A 264 -11.15 -2.76 -33.35
C LYS A 264 -10.46 -2.02 -34.49
N ASN A 265 -11.22 -1.64 -35.52
CA ASN A 265 -10.64 -0.99 -36.68
C ASN A 265 -9.77 0.19 -36.29
N ASP A 266 -10.28 1.05 -35.39
CA ASP A 266 -9.51 2.21 -34.96
C ASP A 266 -8.11 1.81 -34.52
N ILE A 267 -8.01 0.83 -33.62
CA ILE A 267 -6.71 0.45 -33.10
C ILE A 267 -5.81 0.02 -34.24
N ASP A 268 -6.34 -0.79 -35.16
CA ASP A 268 -5.53 -1.25 -36.28
C ASP A 268 -4.97 -0.07 -37.05
N ALA A 269 -5.80 0.96 -37.27
CA ALA A 269 -5.31 2.16 -37.95
C ALA A 269 -4.08 2.71 -37.25
N LYS A 270 -4.17 2.92 -35.93
CA LYS A 270 -3.05 3.46 -35.20
C LYS A 270 -1.85 2.54 -35.29
N ILE A 271 -2.08 1.22 -35.27
CA ILE A 271 -0.97 0.29 -35.38
C ILE A 271 -0.30 0.44 -36.75
N ARG A 272 -1.11 0.59 -37.80
CA ARG A 272 -0.50 0.81 -39.11
C ARG A 272 0.20 2.16 -39.19
N GLU A 273 -0.13 3.06 -38.27
CA GLU A 273 0.57 4.34 -38.24
C GLU A 273 1.96 4.19 -37.65
N LEU A 274 2.18 3.12 -36.87
CA LEU A 274 3.46 2.89 -36.22
C LEU A 274 4.31 1.86 -36.94
N LYS A 275 3.80 1.24 -38.00
CA LYS A 275 4.53 0.21 -38.75
C LYS A 275 5.09 -0.84 -37.80
N LEU A 276 4.28 -1.23 -36.82
CA LEU A 276 4.75 -2.11 -35.76
C LEU A 276 4.82 -3.56 -36.21
N ILE A 277 3.90 -4.01 -37.07
CA ILE A 277 3.91 -5.40 -37.51
C ILE A 277 5.19 -5.71 -38.27
N GLY A 278 5.63 -4.80 -39.12
CA GLY A 278 6.89 -5.01 -39.83
C GLY A 278 8.07 -5.14 -38.87
N LEU A 279 8.13 -4.27 -37.88
CA LEU A 279 9.22 -4.33 -36.90
C LEU A 279 9.21 -5.65 -36.15
N VAL A 280 8.03 -6.07 -35.68
CA VAL A 280 7.95 -7.28 -34.87
C VAL A 280 8.26 -8.50 -35.71
N GLU A 281 7.80 -8.52 -36.97
CA GLU A 281 8.12 -9.64 -37.84
C GLU A 281 9.61 -9.69 -38.14
N THR A 282 10.24 -8.52 -38.26
CA THR A 282 11.68 -8.50 -38.50
C THR A 282 12.46 -8.96 -37.27
N LEU A 283 11.95 -8.68 -36.08
CA LEU A 283 12.72 -8.94 -34.87
C LEU A 283 12.34 -10.22 -34.15
N LYS A 284 11.13 -10.75 -34.32
CA LYS A 284 10.74 -11.93 -33.58
C LYS A 284 11.56 -13.13 -34.03
N GLY A 285 11.88 -14.01 -33.08
CA GLY A 285 12.75 -15.14 -33.32
C GLY A 285 14.18 -14.93 -32.87
N LYS A 286 14.59 -13.69 -32.65
CA LYS A 286 15.93 -13.41 -32.16
C LYS A 286 15.93 -13.39 -30.64
N SER A 287 17.06 -13.77 -30.06
CA SER A 287 17.27 -13.60 -28.63
C SER A 287 17.57 -12.15 -28.33
N SER A 288 17.58 -11.80 -27.04
CA SER A 288 17.82 -10.43 -26.66
C SER A 288 19.19 -9.94 -27.13
N GLU A 289 20.20 -10.81 -27.05
CA GLU A 289 21.52 -10.43 -27.54
C GLU A 289 21.51 -10.20 -29.05
N GLN A 290 20.80 -11.03 -29.80
CA GLN A 290 20.73 -10.82 -31.24
C GLN A 290 20.00 -9.53 -31.58
N ILE A 291 18.96 -9.19 -30.81
CA ILE A 291 18.28 -7.92 -31.02
C ILE A 291 19.21 -6.76 -30.71
N GLU A 292 20.01 -6.88 -29.64
CA GLU A 292 20.98 -5.84 -29.34
C GLU A 292 21.97 -5.65 -30.48
N GLU A 293 22.46 -6.75 -31.04
CA GLU A 293 23.39 -6.63 -32.17
C GLU A 293 22.70 -6.03 -33.38
N TYR A 294 21.43 -6.37 -33.62
CA TYR A 294 20.71 -5.79 -34.75
C TYR A 294 20.56 -4.28 -34.58
N PHE A 295 20.21 -3.83 -33.39
CA PHE A 295 20.05 -2.40 -33.17
C PHE A 295 21.38 -1.68 -33.21
N SER A 296 22.43 -2.31 -32.69
CA SER A 296 23.74 -1.68 -32.72
C SER A 296 24.38 -1.75 -34.09
N ASN A 297 23.78 -2.51 -35.02
CA ASN A 297 24.29 -2.55 -36.37
C ASN A 297 23.52 -1.67 -37.35
N LEU A 298 22.49 -0.97 -36.90
CA LEU A 298 21.77 -0.08 -37.81
C LEU A 298 22.65 1.10 -38.20
N ASP A 299 22.29 1.76 -39.28
CA ASP A 299 22.84 3.05 -39.62
C ASP A 299 22.04 4.11 -38.87
N LYS A 300 22.69 4.83 -37.96
CA LYS A 300 21.96 5.70 -37.05
C LYS A 300 21.48 6.96 -37.76
N PHE A 301 22.39 7.70 -38.38
CA PHE A 301 22.01 8.97 -38.99
C PHE A 301 21.05 8.77 -40.15
N SER A 302 21.32 7.77 -41.00
CA SER A 302 20.48 7.55 -42.17
C SER A 302 19.06 7.18 -41.76
N THR A 303 18.91 6.31 -40.77
CA THR A 303 17.58 5.95 -40.29
C THR A 303 16.91 7.12 -39.58
N TYR A 304 17.66 7.90 -38.82
CA TYR A 304 17.06 9.02 -38.11
C TYR A 304 16.53 10.07 -39.06
N ASN A 305 17.27 10.36 -40.12
CA ASN A 305 16.84 11.37 -41.09
C ASN A 305 15.94 10.81 -42.18
N ASP A 306 15.61 9.51 -42.13
CA ASP A 306 14.75 8.88 -43.13
C ASP A 306 13.31 9.00 -42.68
N ARG A 307 12.57 9.94 -43.28
CA ARG A 307 11.24 10.28 -42.80
C ARG A 307 10.21 9.19 -43.07
N ASN A 308 10.52 8.21 -43.91
CA ASN A 308 9.58 7.13 -44.22
C ASN A 308 9.67 5.97 -43.23
N GLN A 309 10.53 6.08 -42.21
CA GLN A 309 10.64 5.07 -41.19
C GLN A 309 9.54 5.23 -40.15
N SER A 310 9.25 4.15 -39.44
CA SER A 310 8.34 4.22 -38.31
C SER A 310 8.95 5.09 -37.22
N VAL A 311 8.10 5.76 -36.46
CA VAL A 311 8.60 6.67 -35.44
C VAL A 311 9.32 5.92 -34.33
N ILE A 312 8.98 4.65 -34.12
CA ILE A 312 9.67 3.86 -33.10
C ILE A 312 11.13 3.65 -33.47
N VAL A 313 11.38 3.30 -34.73
CA VAL A 313 12.75 3.05 -35.18
C VAL A 313 13.57 4.33 -35.11
N ARG A 314 12.99 5.44 -35.54
CA ARG A 314 13.71 6.71 -35.50
C ARG A 314 14.00 7.14 -34.06
N THR A 315 13.04 6.96 -33.15
CA THR A 315 13.30 7.28 -31.76
C THR A 315 14.43 6.42 -31.21
N GLN A 316 14.39 5.11 -31.46
CA GLN A 316 15.46 4.25 -30.96
C GLN A 316 16.80 4.61 -31.60
N CYS A 317 16.76 5.21 -32.79
CA CYS A 317 18.00 5.70 -33.39
C CYS A 317 18.41 7.07 -32.86
N PHE A 318 17.56 7.74 -32.07
CA PHE A 318 17.96 8.97 -31.41
C PHE A 318 18.17 8.82 -29.91
N LYS A 319 17.50 7.86 -29.26
CA LYS A 319 17.43 7.88 -27.81
C LYS A 319 16.77 6.60 -27.34
N TYR A 320 17.12 6.16 -26.12
CA TYR A 320 16.54 4.96 -25.54
C TYR A 320 15.20 5.32 -24.88
N LYS A 321 14.10 5.01 -25.55
CA LYS A 321 12.77 5.38 -25.07
C LYS A 321 11.85 4.18 -25.12
N PRO A 322 11.41 3.65 -23.99
CA PRO A 322 10.62 2.42 -23.98
C PRO A 322 9.17 2.64 -24.39
N ILE A 323 8.55 1.56 -24.82
CA ILE A 323 7.12 1.54 -25.12
C ILE A 323 6.34 1.59 -23.80
N PRO A 324 5.25 2.36 -23.71
CA PRO A 324 4.68 2.67 -22.39
C PRO A 324 4.22 1.45 -21.59
N PHE A 325 3.99 1.67 -20.29
CA PHE A 325 3.22 0.72 -19.49
C PHE A 325 2.03 0.19 -20.25
N LEU A 326 1.08 1.09 -20.51
CA LEU A 326 -0.32 0.75 -20.63
C LEU A 326 -0.67 0.12 -21.96
N VAL A 327 0.20 0.23 -22.95
CA VAL A 327 -0.09 -0.38 -24.24
C VAL A 327 0.67 -1.69 -24.36
N LYS A 328 1.93 -1.73 -23.93
CA LYS A 328 2.85 -2.85 -24.22
C LYS A 328 2.17 -4.21 -24.21
N HIS A 329 1.53 -4.56 -23.09
CA HIS A 329 1.04 -5.93 -22.94
C HIS A 329 -0.15 -6.19 -23.86
N GLN A 330 -1.13 -5.29 -23.86
CA GLN A 330 -2.28 -5.47 -24.74
C GLN A 330 -1.86 -5.43 -26.19
N LEU A 331 -0.83 -4.65 -26.51
CA LEU A 331 -0.34 -4.55 -27.87
C LEU A 331 0.34 -5.84 -28.29
N ALA A 332 1.09 -6.46 -27.39
CA ALA A 332 1.68 -7.76 -27.71
C ALA A 332 0.60 -8.79 -27.97
N LYS A 333 -0.42 -8.83 -27.13
CA LYS A 333 -1.53 -9.77 -27.33
C LYS A 333 -2.26 -9.49 -28.65
N TYR A 334 -2.55 -8.21 -28.91
CA TYR A 334 -3.31 -7.81 -30.09
C TYR A 334 -2.52 -7.99 -31.36
N ILE A 335 -1.20 -7.98 -31.28
CA ILE A 335 -0.39 -8.24 -32.46
C ILE A 335 -0.23 -9.73 -32.69
N SER A 336 -0.04 -10.49 -31.62
CA SER A 336 0.16 -11.93 -31.77
C SER A 336 -1.09 -12.61 -32.30
N GLU A 337 -2.24 -12.38 -31.66
CA GLU A 337 -3.39 -13.25 -31.89
C GLU A 337 -3.93 -13.18 -33.32
N PRO A 338 -4.17 -12.01 -33.92
CA PRO A 338 -4.51 -12.01 -35.35
C PRO A 338 -3.51 -12.73 -36.23
N ASN A 339 -2.21 -12.58 -35.98
CA ASN A 339 -1.18 -13.11 -36.87
C ASN A 339 -0.77 -14.53 -36.52
N GLY A 340 -1.23 -15.08 -35.40
CA GLY A 340 -0.88 -16.42 -35.03
C GLY A 340 0.54 -16.60 -34.52
N TRP A 341 1.24 -15.52 -34.23
CA TRP A 341 2.58 -15.63 -33.66
C TRP A 341 2.49 -15.94 -32.17
N ASP A 342 3.63 -16.35 -31.61
CA ASP A 342 3.70 -16.57 -30.19
C ASP A 342 3.56 -15.25 -29.45
N GLU A 343 2.71 -15.23 -28.42
CA GLU A 343 2.50 -14.00 -27.66
C GLU A 343 3.78 -13.59 -26.92
N ASP A 344 4.49 -14.56 -26.36
CA ASP A 344 5.70 -14.24 -25.61
C ASP A 344 6.83 -13.82 -26.54
N ALA A 345 6.92 -14.39 -27.73
CA ALA A 345 7.97 -13.98 -28.67
C ALA A 345 7.74 -12.59 -29.22
N VAL A 346 6.56 -12.02 -29.00
CA VAL A 346 6.29 -10.63 -29.35
C VAL A 346 6.43 -9.71 -28.16
N ALA A 347 6.01 -10.17 -26.98
CA ALA A 347 6.28 -9.40 -25.77
C ALA A 347 7.76 -9.22 -25.54
N LYS A 348 8.57 -10.21 -25.89
CA LYS A 348 10.02 -10.07 -25.79
C LYS A 348 10.53 -8.98 -26.72
N VAL A 349 10.00 -8.92 -27.94
CA VAL A 349 10.43 -7.90 -28.89
C VAL A 349 10.04 -6.51 -28.42
N LEU A 350 8.81 -6.37 -27.91
CA LEU A 350 8.41 -5.07 -27.37
C LEU A 350 9.15 -4.72 -26.09
N ASP A 351 9.67 -5.70 -25.37
CA ASP A 351 10.58 -5.42 -24.26
C ASP A 351 11.97 -5.02 -24.74
N ALA A 352 12.35 -5.43 -25.95
CA ALA A 352 13.70 -5.18 -26.44
C ALA A 352 13.88 -3.81 -27.07
N VAL A 353 12.83 -2.99 -27.12
CA VAL A 353 12.94 -1.63 -27.62
C VAL A 353 13.08 -0.69 -26.43
N GLY A 354 14.22 -0.01 -26.34
CA GLY A 354 14.47 0.88 -25.23
C GLY A 354 15.29 0.30 -24.10
N ALA A 355 16.10 -0.71 -24.36
CA ALA A 355 16.92 -1.32 -23.32
C ALA A 355 18.20 -0.53 -23.13
N ILE A 356 18.39 0.03 -21.93
CA ILE A 356 19.48 0.96 -21.70
C ILE A 356 20.82 0.27 -21.89
N ARG A 357 21.73 0.96 -22.57
CA ARG A 357 23.13 0.60 -22.64
C ARG A 357 23.95 1.83 -22.34
N SER A 358 24.99 1.67 -21.53
CA SER A 358 25.83 2.80 -21.18
C SER A 358 27.13 2.70 -21.95
N PRO A 359 27.51 3.71 -22.74
CA PRO A 359 28.79 3.61 -23.46
C PRO A 359 29.99 3.48 -22.54
N ALA A 360 29.95 4.16 -21.38
CA ALA A 360 31.10 4.12 -20.47
C ALA A 360 31.27 2.75 -19.86
N HIS A 361 30.17 2.14 -19.41
CA HIS A 361 30.24 0.79 -18.86
C HIS A 361 30.72 -0.19 -19.90
N ASP A 362 30.25 -0.06 -21.13
CA ASP A 362 30.70 -0.94 -22.20
C ASP A 362 32.19 -0.77 -22.46
N TYR A 363 32.68 0.47 -22.43
CA TYR A 363 34.09 0.67 -22.70
C TYR A 363 34.95 0.12 -21.57
N ALA A 364 34.53 0.33 -20.32
CA ALA A 364 35.28 -0.26 -19.21
C ALA A 364 35.22 -1.78 -19.24
N ASN A 365 34.12 -2.34 -19.77
CA ASN A 365 33.98 -3.79 -19.83
C ASN A 365 34.96 -4.40 -20.82
N ASN A 366 35.04 -3.87 -22.03
CA ASN A 366 35.93 -4.38 -23.07
C ASN A 366 36.35 -3.23 -23.99
N GLN A 367 37.66 -3.10 -24.19
CA GLN A 367 38.21 -1.96 -24.92
C GLN A 367 38.33 -2.20 -26.42
N GLU A 368 38.07 -3.43 -26.90
CA GLU A 368 38.24 -3.74 -28.31
C GLU A 368 36.94 -3.70 -29.11
N GLY A 369 35.84 -4.15 -28.54
CA GLY A 369 34.57 -4.12 -29.24
C GLY A 369 33.85 -2.80 -29.21
N PHE A 370 34.44 -1.77 -28.62
CA PHE A 370 33.76 -0.50 -28.50
C PHE A 370 33.68 0.21 -29.85
N ASP A 371 32.60 0.98 -30.03
CA ASP A 371 32.40 1.85 -31.17
C ASP A 371 31.22 2.76 -30.89
N LEU A 372 31.34 4.04 -31.23
CA LEU A 372 30.28 4.99 -30.90
C LEU A 372 29.14 4.96 -31.89
N ASN A 373 29.24 4.21 -32.98
CA ASN A 373 28.14 4.09 -33.92
C ASN A 373 27.09 3.09 -33.47
N HIS A 374 27.32 2.36 -32.38
CA HIS A 374 26.31 1.45 -31.86
C HIS A 374 25.17 2.21 -31.21
N TYR A 375 25.49 3.21 -30.39
CA TYR A 375 24.51 3.87 -29.55
C TYR A 375 23.76 4.94 -30.30
N PRO A 376 22.55 5.29 -29.84
CA PRO A 376 21.79 6.35 -30.48
C PRO A 376 22.56 7.65 -30.57
N ILE A 377 22.01 8.59 -31.34
CA ILE A 377 22.70 9.85 -31.57
C ILE A 377 22.88 10.61 -30.26
N LYS A 378 21.84 10.66 -29.45
CA LYS A 378 21.93 11.42 -28.21
C LYS A 378 22.90 10.79 -27.23
N VAL A 379 22.86 9.46 -27.09
CA VAL A 379 23.70 8.80 -26.11
C VAL A 379 25.17 8.91 -26.48
N ALA A 380 25.49 8.64 -27.74
CA ALA A 380 26.87 8.74 -28.20
C ALA A 380 27.34 10.20 -28.16
N PHE A 381 26.47 11.13 -28.53
CA PHE A 381 26.84 12.55 -28.48
C PHE A 381 27.14 12.99 -27.06
N ASP A 382 26.30 12.59 -26.10
CA ASP A 382 26.55 12.95 -24.71
C ASP A 382 27.83 12.33 -24.20
N TYR A 383 28.05 11.05 -24.48
CA TYR A 383 29.28 10.43 -24.02
C TYR A 383 30.50 11.15 -24.59
N ALA A 384 30.51 11.38 -25.89
CA ALA A 384 31.67 12.04 -26.49
C ALA A 384 31.86 13.44 -25.94
N TRP A 385 30.78 14.21 -25.83
CA TRP A 385 30.91 15.60 -25.40
C TRP A 385 31.41 15.70 -23.96
N GLU A 386 30.79 14.98 -23.03
CA GLU A 386 31.25 15.07 -21.66
C GLU A 386 32.63 14.45 -21.45
N GLN A 387 32.98 13.37 -22.16
CA GLN A 387 34.32 12.83 -21.98
C GLN A 387 35.37 13.78 -22.54
N LEU A 388 35.11 14.42 -23.68
CA LEU A 388 36.05 15.40 -24.19
C LEU A 388 36.14 16.61 -23.26
N ALA A 389 35.02 17.01 -22.66
CA ALA A 389 35.05 18.13 -21.73
C ALA A 389 35.86 17.78 -20.49
N ASN A 390 35.76 16.55 -20.00
CA ASN A 390 36.53 16.15 -18.84
C ASN A 390 38.00 15.96 -19.16
N SER A 391 38.32 15.56 -20.40
CA SER A 391 39.71 15.28 -20.74
C SER A 391 40.59 16.52 -20.73
N LEU A 392 40.02 17.71 -20.76
CA LEU A 392 40.83 18.92 -20.73
C LEU A 392 41.33 19.27 -19.34
N TYR A 393 40.90 18.54 -18.31
CA TYR A 393 41.33 18.83 -16.95
C TYR A 393 41.74 17.61 -16.15
N THR A 394 41.38 16.41 -16.56
CA THR A 394 41.79 15.19 -15.88
C THR A 394 42.16 14.15 -16.92
N THR A 395 42.96 13.17 -16.50
CA THR A 395 43.28 12.05 -17.37
C THR A 395 42.21 10.98 -17.23
N VAL A 396 41.58 10.62 -18.35
CA VAL A 396 40.56 9.58 -18.37
C VAL A 396 41.02 8.48 -19.32
N THR A 397 40.28 7.38 -19.31
CA THR A 397 40.68 6.18 -20.02
C THR A 397 40.12 6.08 -21.43
N PHE A 398 39.42 7.10 -21.92
CA PHE A 398 39.00 6.75 -23.27
C PHE A 398 39.87 7.44 -24.32
N PRO A 399 40.12 6.78 -25.46
CA PRO A 399 40.94 7.41 -26.51
C PRO A 399 40.15 8.50 -27.23
N GLN A 400 40.73 9.70 -27.27
CA GLN A 400 39.98 10.86 -27.74
C GLN A 400 39.67 10.77 -29.23
N GLU A 401 40.31 9.87 -29.97
CA GLU A 401 40.19 9.92 -31.42
C GLU A 401 38.76 9.63 -31.87
N MET A 402 38.11 8.62 -31.29
CA MET A 402 36.77 8.28 -31.75
C MET A 402 35.75 9.33 -31.33
N CYS A 403 35.86 9.83 -30.10
CA CYS A 403 34.94 10.87 -29.65
C CYS A 403 35.09 12.14 -30.49
N GLU A 404 36.34 12.52 -30.76
CA GLU A 404 36.58 13.69 -31.59
C GLU A 404 36.04 13.47 -32.99
N LYS A 405 36.19 12.26 -33.54
CA LYS A 405 35.66 11.99 -34.87
C LYS A 405 34.14 12.06 -34.88
N TYR A 406 33.49 11.57 -33.83
CA TYR A 406 32.03 11.65 -33.76
C TYR A 406 31.55 13.09 -33.71
N LEU A 407 32.14 13.90 -32.83
CA LEU A 407 31.73 15.30 -32.73
C LEU A 407 32.06 16.06 -34.02
N ASN A 408 33.19 15.73 -34.63
CA ASN A 408 33.56 16.36 -35.90
C ASN A 408 32.55 16.00 -36.99
N SER A 409 32.07 14.76 -36.99
CA SER A 409 31.04 14.38 -37.95
C SER A 409 29.75 15.14 -37.71
N ILE A 410 29.37 15.31 -36.43
CA ILE A 410 28.13 16.02 -36.13
C ILE A 410 28.21 17.47 -36.59
N TYR A 411 29.28 18.17 -36.21
CA TYR A 411 29.35 19.60 -36.45
C TYR A 411 30.08 19.99 -37.72
N GLY A 412 30.97 19.16 -38.23
CA GLY A 412 31.70 19.51 -39.44
C GLY A 412 32.96 20.32 -39.22
N CYS A 413 33.36 20.56 -37.98
CA CYS A 413 34.60 21.25 -37.67
C CYS A 413 35.20 20.64 -36.41
N GLU A 414 36.48 20.94 -36.19
CA GLU A 414 37.19 20.42 -35.02
C GLU A 414 36.52 21.00 -33.77
N VAL A 415 35.77 20.15 -33.06
CA VAL A 415 34.97 20.65 -31.94
C VAL A 415 35.85 21.03 -30.77
N SER A 416 36.90 20.24 -30.49
CA SER A 416 37.74 20.51 -29.33
C SER A 416 38.53 21.81 -29.50
N LYS A 417 38.59 22.38 -30.69
CA LYS A 417 39.31 23.61 -30.95
C LYS A 417 38.41 24.84 -31.01
N GLU A 418 37.14 24.71 -30.68
CA GLU A 418 36.26 25.88 -30.63
C GLU A 418 36.34 26.52 -29.24
N PRO A 419 36.36 27.85 -29.17
CA PRO A 419 36.35 28.49 -27.83
C PRO A 419 35.13 28.16 -27.01
N VAL A 420 33.98 27.90 -27.65
CA VAL A 420 32.78 27.57 -26.90
C VAL A 420 32.95 26.26 -26.14
N PHE A 421 33.62 25.28 -26.75
CA PHE A 421 33.84 24.01 -26.08
C PHE A 421 34.75 24.18 -24.88
N LYS A 422 35.81 24.98 -25.01
CA LYS A 422 36.69 25.21 -23.87
C LYS A 422 35.95 25.92 -22.75
N PHE A 423 35.09 26.88 -23.10
CA PHE A 423 34.26 27.53 -22.09
C PHE A 423 33.35 26.53 -21.39
N TYR A 424 32.77 25.59 -22.14
CA TYR A 424 31.96 24.55 -21.51
C TYR A 424 32.80 23.72 -20.57
N ALA A 425 34.01 23.36 -20.98
CA ALA A 425 34.87 22.56 -20.12
C ALA A 425 35.19 23.29 -18.82
N ASP A 426 35.46 24.59 -18.91
CA ASP A 426 35.73 25.38 -17.71
C ASP A 426 34.52 25.45 -16.80
N LEU A 427 33.34 25.69 -17.36
CA LEU A 427 32.14 25.76 -16.53
C LEU A 427 31.88 24.42 -15.86
N LEU A 428 32.04 23.32 -16.59
CA LEU A 428 31.83 22.00 -16.01
C LEU A 428 32.83 21.72 -14.91
N TYR A 429 34.09 22.12 -15.10
CA TYR A 429 35.10 21.89 -14.07
C TYR A 429 34.80 22.70 -12.81
N ILE A 430 34.37 23.94 -12.99
CA ILE A 430 33.96 24.76 -11.85
C ILE A 430 32.79 24.10 -11.13
N ARG A 431 31.83 23.56 -11.88
CA ARG A 431 30.71 22.87 -11.26
C ARG A 431 31.16 21.65 -10.48
N LYS A 432 32.10 20.88 -11.03
CA LYS A 432 32.60 19.71 -10.33
C LYS A 432 33.26 20.12 -9.02
N ASN A 433 34.05 21.18 -9.04
CA ASN A 433 34.69 21.63 -7.81
C ASN A 433 33.67 22.15 -6.81
N LEU A 434 32.68 22.90 -7.26
CA LEU A 434 31.65 23.42 -6.37
C LEU A 434 30.81 22.31 -5.76
N ALA A 435 30.68 21.18 -6.47
CA ALA A 435 29.89 20.08 -5.95
C ALA A 435 30.47 19.53 -4.64
N VAL A 436 31.79 19.46 -4.54
CA VAL A 436 32.40 18.92 -3.32
C VAL A 436 32.08 19.83 -2.13
N LEU A 437 32.21 21.15 -2.31
CA LEU A 437 31.91 22.08 -1.25
C LEU A 437 30.42 22.14 -0.93
N GLU A 438 29.55 21.81 -1.88
CA GLU A 438 28.11 21.80 -1.65
C GLU A 438 27.57 20.46 -1.17
N HIS A 439 28.42 19.46 -0.97
CA HIS A 439 28.00 18.22 -0.33
C HIS A 439 28.46 18.27 1.12
N LYS A 440 27.62 18.86 1.96
CA LYS A 440 27.97 19.08 3.36
C LYS A 440 28.02 17.79 4.16
N ASN A 441 27.58 16.67 3.59
CA ASN A 441 27.63 15.41 4.31
C ASN A 441 29.06 14.89 4.47
N ASN A 442 29.94 15.20 3.51
CA ASN A 442 31.29 14.65 3.48
C ASN A 442 32.30 15.74 3.17
N LEU A 443 32.22 16.85 3.91
CA LEU A 443 33.12 17.98 3.65
C LEU A 443 34.58 17.59 3.90
N PRO A 444 35.48 17.91 2.97
CA PRO A 444 36.91 17.69 3.22
C PRO A 444 37.54 18.83 3.99
N SER A 445 38.87 18.78 4.16
CA SER A 445 39.61 19.82 4.86
C SER A 445 40.54 20.62 3.96
N ASN A 446 40.72 20.20 2.71
CA ASN A 446 41.64 20.87 1.77
C ASN A 446 40.90 21.88 0.90
N GLN A 447 40.15 22.79 1.52
CA GLN A 447 39.33 23.72 0.75
C GLN A 447 40.19 24.67 -0.07
N GLU A 448 41.41 24.97 0.40
CA GLU A 448 42.24 25.95 -0.30
C GLU A 448 42.59 25.49 -1.70
N GLU A 449 42.87 24.20 -1.89
CA GLU A 449 43.18 23.69 -3.21
C GLU A 449 42.01 23.87 -4.16
N PHE A 450 40.81 23.52 -3.71
CA PHE A 450 39.62 23.67 -4.54
C PHE A 450 39.37 25.13 -4.88
N ILE A 451 39.53 26.02 -3.91
CA ILE A 451 39.27 27.44 -4.16
C ILE A 451 40.30 28.00 -5.12
N CYS A 452 41.56 27.58 -5.00
CA CYS A 452 42.57 28.03 -5.94
C CYS A 452 42.24 27.57 -7.35
N LYS A 453 41.83 26.31 -7.49
CA LYS A 453 41.44 25.82 -8.82
C LYS A 453 40.25 26.59 -9.37
N ILE A 454 39.27 26.88 -8.51
CA ILE A 454 38.09 27.62 -8.93
C ILE A 454 38.47 29.02 -9.41
N ASN A 455 39.32 29.71 -8.65
CA ASN A 455 39.73 31.06 -9.03
C ASN A 455 40.52 31.04 -10.34
N ASN A 456 41.43 30.09 -10.49
CA ASN A 456 42.21 30.00 -11.73
C ASN A 456 41.30 29.71 -12.91
N THR A 457 40.30 28.85 -12.72
CA THR A 457 39.39 28.52 -13.81
C THR A 457 38.56 29.74 -14.20
N PHE A 458 38.01 30.47 -13.23
CA PHE A 458 37.29 31.70 -13.57
C PHE A 458 38.20 32.69 -14.28
N GLU A 459 39.44 32.83 -13.81
CA GLU A 459 40.35 33.79 -14.41
C GLU A 459 40.67 33.43 -15.85
N ASN A 460 40.84 32.14 -16.13
CA ASN A 460 41.28 31.71 -17.46
C ASN A 460 40.12 31.46 -18.41
N ILE A 461 38.87 31.63 -17.98
CA ILE A 461 37.76 31.58 -18.93
C ILE A 461 37.88 32.73 -19.90
N VAL A 462 37.83 32.42 -21.19
CA VAL A 462 37.80 33.42 -22.25
C VAL A 462 36.41 33.33 -22.87
N LEU A 463 35.56 34.30 -22.58
CA LEU A 463 34.18 34.25 -23.02
C LEU A 463 34.12 34.25 -24.54
N PRO A 464 33.52 33.24 -25.16
CA PRO A 464 33.56 33.15 -26.62
C PRO A 464 32.66 34.16 -27.30
N TYR A 465 31.54 34.51 -26.68
CA TYR A 465 30.62 35.49 -27.21
C TYR A 465 30.24 36.44 -26.07
N LYS A 466 29.81 37.65 -26.45
CA LYS A 466 29.46 38.64 -25.43
C LYS A 466 28.29 38.14 -24.61
N ILE A 467 28.55 37.81 -23.35
CA ILE A 467 27.54 37.36 -22.41
C ILE A 467 27.44 38.40 -21.30
N SER A 468 26.21 38.76 -20.95
CA SER A 468 25.99 39.87 -20.03
C SER A 468 25.96 39.40 -18.58
N GLN A 469 26.46 40.26 -17.69
CA GLN A 469 26.49 40.05 -16.24
C GLN A 469 27.04 38.68 -15.86
N PHE A 470 27.91 38.10 -16.69
CA PHE A 470 28.62 36.90 -16.29
C PHE A 470 29.53 37.20 -15.10
N GLU A 471 30.17 38.36 -15.10
CA GLU A 471 31.06 38.73 -14.01
C GLU A 471 30.29 38.87 -12.69
N THR A 472 29.00 39.19 -12.76
CA THR A 472 28.18 39.19 -11.56
C THR A 472 28.12 37.80 -10.95
N TYR A 473 27.88 36.79 -11.79
CA TYR A 473 27.91 35.41 -11.31
C TYR A 473 29.28 35.06 -10.75
N LYS A 474 30.33 35.49 -11.43
CA LYS A 474 31.69 35.18 -10.98
C LYS A 474 31.95 35.77 -9.60
N LYS A 475 31.58 37.04 -9.40
CA LYS A 475 31.85 37.68 -8.13
C LYS A 475 30.99 37.10 -7.02
N ASP A 476 29.75 36.72 -7.32
CA ASP A 476 28.92 36.09 -6.29
C ASP A 476 29.49 34.74 -5.87
N ILE A 477 29.88 33.92 -6.86
CA ILE A 477 30.44 32.60 -6.55
C ILE A 477 31.71 32.75 -5.71
N LEU A 478 32.57 33.71 -6.08
CA LEU A 478 33.77 33.96 -5.28
C LEU A 478 33.42 34.45 -3.88
N ALA A 479 32.41 35.33 -3.78
CA ALA A 479 32.07 35.92 -2.50
C ALA A 479 31.60 34.87 -1.50
N TRP A 480 30.76 33.93 -1.95
CA TRP A 480 30.29 32.92 -1.01
C TRP A 480 31.42 32.04 -0.50
N ILE A 481 32.35 31.66 -1.37
CA ILE A 481 33.47 30.81 -0.98
C ILE A 481 34.57 31.66 -0.35
N HIS A 487 23.72 33.91 0.54
CA HIS A 487 23.74 32.50 0.19
C HIS A 487 22.73 32.17 -0.90
N LYS A 488 21.61 32.90 -0.92
CA LYS A 488 20.63 32.72 -1.99
C LYS A 488 21.17 33.25 -3.31
N LYS A 489 21.87 34.39 -3.27
CA LYS A 489 22.51 34.92 -4.47
C LYS A 489 23.50 33.90 -5.05
N TYR A 490 24.16 33.15 -4.17
CA TYR A 490 25.01 32.05 -4.61
C TYR A 490 24.26 31.06 -5.49
N THR A 491 23.12 30.56 -5.01
CA THR A 491 22.38 29.57 -5.79
C THR A 491 21.85 30.18 -7.08
N ASP A 492 21.42 31.45 -7.03
CA ASP A 492 20.92 32.10 -8.25
C ASP A 492 22.02 32.20 -9.30
N ALA A 493 23.21 32.67 -8.91
CA ALA A 493 24.31 32.77 -9.86
C ALA A 493 24.77 31.41 -10.34
N LYS A 494 24.79 30.42 -9.44
CA LYS A 494 25.18 29.07 -9.82
C LYS A 494 24.23 28.49 -10.85
N GLN A 495 22.93 28.72 -10.67
CA GLN A 495 21.95 28.21 -11.62
C GLN A 495 22.02 28.96 -12.95
N GLN A 496 22.31 30.26 -12.93
CA GLN A 496 22.43 30.97 -14.19
C GLN A 496 23.66 30.50 -14.97
N LEU A 497 24.77 30.25 -14.26
CA LEU A 497 25.92 29.63 -14.92
C LEU A 497 25.55 28.29 -15.51
N GLY A 498 24.68 27.52 -14.83
CA GLY A 498 24.25 26.24 -15.37
C GLY A 498 23.44 26.38 -16.63
N PHE A 499 22.53 27.35 -16.67
CA PHE A 499 21.81 27.64 -17.91
C PHE A 499 22.76 27.97 -19.05
N ILE A 500 23.71 28.87 -18.79
CA ILE A 500 24.65 29.26 -19.83
C ILE A 500 25.46 28.07 -20.31
N ARG A 501 25.87 27.21 -19.37
CA ARG A 501 26.66 26.03 -19.73
C ARG A 501 25.84 25.05 -20.57
N GLY A 502 24.61 24.79 -20.16
CA GLY A 502 23.78 23.86 -20.90
C GLY A 502 23.36 24.37 -22.26
N GLY A 503 23.37 25.67 -22.46
CA GLY A 503 23.00 26.22 -23.75
C GLY A 503 24.15 26.30 -24.73
N LEU A 504 25.31 25.74 -24.37
CA LEU A 504 26.50 25.90 -25.21
C LEU A 504 26.57 24.91 -26.35
N LYS A 505 25.73 23.87 -26.33
CA LYS A 505 25.81 22.85 -27.38
C LYS A 505 25.24 23.36 -28.69
N GLY A 506 24.49 24.45 -28.65
CA GLY A 506 23.82 24.96 -29.83
C GLY A 506 24.73 25.32 -30.98
N TYR A 530 23.57 20.69 -34.36
CA TYR A 530 23.03 19.92 -33.24
C TYR A 530 21.62 20.33 -32.92
N THR A 531 21.30 21.62 -33.03
CA THR A 531 19.93 22.06 -32.82
C THR A 531 19.01 21.49 -33.90
N LYS A 532 19.57 21.20 -35.07
CA LYS A 532 18.79 20.56 -36.12
C LYS A 532 18.29 19.18 -35.69
N LEU A 533 19.15 18.41 -35.03
CA LEU A 533 18.76 17.08 -34.59
C LEU A 533 17.65 17.15 -33.56
N THR A 534 17.75 18.07 -32.61
CA THR A 534 16.71 18.20 -31.60
C THR A 534 15.41 18.74 -32.20
N ASN A 535 15.52 19.62 -33.20
CA ASN A 535 14.31 20.10 -33.87
C ASN A 535 13.60 18.96 -34.57
N GLU A 536 14.35 18.04 -35.20
CA GLU A 536 13.72 16.86 -35.77
C GLU A 536 13.09 15.98 -34.70
N PHE A 537 13.76 15.79 -33.57
CA PHE A 537 13.15 14.99 -32.51
C PHE A 537 11.90 15.64 -31.93
N LYS A 538 11.72 16.95 -32.05
CA LYS A 538 10.43 17.54 -31.68
C LYS A 538 9.29 16.83 -32.39
N GLN A 539 9.34 16.81 -33.73
CA GLN A 539 8.26 16.20 -34.50
C GLN A 539 8.18 14.70 -34.27
N ILE A 540 9.34 14.03 -34.19
CA ILE A 540 9.32 12.60 -33.97
C ILE A 540 8.61 12.27 -32.66
N SER A 541 8.93 13.02 -31.60
CA SER A 541 8.32 12.74 -30.31
C SER A 541 6.87 13.14 -30.27
N SER A 542 6.48 14.21 -30.98
CA SER A 542 5.06 14.57 -31.02
C SER A 542 4.23 13.48 -31.66
N THR A 543 4.69 12.93 -32.79
CA THR A 543 3.95 11.84 -33.40
C THR A 543 3.95 10.60 -32.51
N TYR A 544 5.12 10.24 -31.98
CA TYR A 544 5.24 9.09 -31.09
C TYR A 544 4.32 9.22 -29.88
N GLY A 545 4.03 10.43 -29.46
CA GLY A 545 3.17 10.62 -28.31
C GLY A 545 1.70 10.64 -28.64
N LYS A 546 1.32 11.34 -29.72
CA LYS A 546 -0.09 11.39 -30.09
C LYS A 546 -0.61 10.00 -30.46
N THR A 547 0.16 9.26 -31.25
CA THR A 547 -0.29 7.92 -31.66
C THR A 547 -0.43 6.99 -30.46
N PHE A 548 0.53 7.02 -29.55
CA PHE A 548 0.44 6.13 -28.40
C PHE A 548 -0.62 6.55 -27.41
N ALA A 549 -0.93 7.84 -27.31
CA ALA A 549 -2.06 8.24 -26.48
C ALA A 549 -3.39 7.81 -27.09
N GLU A 550 -3.50 7.84 -28.42
CA GLU A 550 -4.69 7.29 -29.06
C GLU A 550 -4.83 5.79 -28.79
N LEU A 551 -3.73 5.03 -28.93
CA LEU A 551 -3.80 3.61 -28.58
C LEU A 551 -4.18 3.41 -27.12
N ARG A 552 -3.59 4.18 -26.21
CA ARG A 552 -3.88 3.98 -24.80
C ARG A 552 -5.34 4.27 -24.51
N ASP A 553 -5.90 5.32 -25.10
CA ASP A 553 -7.29 5.64 -24.85
C ASP A 553 -8.23 4.57 -25.41
N LYS A 554 -7.94 4.08 -26.62
CA LYS A 554 -8.80 3.03 -27.18
C LYS A 554 -8.70 1.75 -26.37
N PHE A 555 -7.52 1.41 -25.87
CA PHE A 555 -7.40 0.22 -25.03
C PHE A 555 -8.12 0.42 -23.71
N LYS A 556 -8.04 1.61 -23.13
CA LYS A 556 -8.71 1.85 -21.85
C LYS A 556 -10.22 1.73 -22.00
N GLU A 557 -10.78 2.27 -23.07
CA GLU A 557 -12.22 2.11 -23.28
C GLU A 557 -12.59 0.71 -23.72
N LYS A 558 -11.68 -0.04 -24.34
CA LYS A 558 -11.93 -1.43 -24.67
C LYS A 558 -11.90 -2.34 -23.45
N ASN A 559 -11.07 -2.04 -22.47
CA ASN A 559 -10.88 -2.91 -21.31
C ASN A 559 -11.80 -2.54 -20.15
N GLU A 560 -12.74 -1.63 -20.36
CA GLU A 560 -13.86 -1.46 -19.45
C GLU A 560 -15.13 -2.04 -20.02
N ILE A 561 -15.03 -2.78 -21.12
CA ILE A 561 -16.17 -3.42 -21.76
C ILE A 561 -15.94 -4.93 -21.74
N THR A 562 -14.67 -5.33 -21.78
CA THR A 562 -14.30 -6.73 -21.66
C THR A 562 -13.97 -7.10 -20.22
N LYS A 563 -14.09 -6.15 -19.29
CA LYS A 563 -13.87 -6.44 -17.88
C LYS A 563 -14.98 -7.31 -17.32
N ILE A 564 -16.23 -7.00 -17.66
CA ILE A 564 -17.36 -7.80 -17.21
C ILE A 564 -17.40 -9.10 -18.02
N THR A 565 -17.49 -10.23 -17.32
CA THR A 565 -17.49 -11.53 -17.96
C THR A 565 -18.73 -12.36 -17.69
N HIS A 566 -19.71 -11.85 -16.95
CA HIS A 566 -20.93 -12.59 -16.71
C HIS A 566 -22.09 -11.62 -16.54
N PHE A 567 -23.30 -12.14 -16.67
CA PHE A 567 -24.52 -11.41 -16.35
C PHE A 567 -25.33 -12.23 -15.36
N GLY A 568 -25.61 -11.67 -14.19
CA GLY A 568 -26.21 -12.44 -13.12
C GLY A 568 -27.47 -11.80 -12.57
N ILE A 569 -28.30 -12.62 -11.94
CA ILE A 569 -29.49 -12.16 -11.23
C ILE A 569 -29.58 -12.91 -9.91
N ILE A 570 -30.01 -12.22 -8.86
CA ILE A 570 -30.16 -12.88 -7.56
C ILE A 570 -31.51 -13.59 -7.53
N ILE A 571 -31.57 -14.73 -6.86
CA ILE A 571 -32.77 -15.58 -6.86
C ILE A 571 -33.11 -15.95 -5.42
N GLU A 572 -34.37 -15.77 -5.04
CA GLU A 572 -34.87 -16.20 -3.74
C GLU A 572 -35.81 -17.38 -3.93
N ASP A 573 -35.58 -18.45 -3.20
CA ASP A 573 -36.53 -19.54 -3.15
C ASP A 573 -37.54 -19.25 -2.05
N LYS A 574 -38.24 -20.27 -1.56
CA LYS A 574 -39.32 -20.02 -0.57
C LYS A 574 -38.76 -19.73 0.82
N ASN A 575 -37.54 -20.16 1.12
CA ASN A 575 -37.04 -19.99 2.51
C ASN A 575 -36.09 -18.80 2.59
N ARG A 576 -36.19 -17.87 1.65
CA ARG A 576 -35.33 -16.67 1.60
C ARG A 576 -33.89 -17.09 1.43
N ASP A 577 -33.66 -18.14 0.64
CA ASP A 577 -32.28 -18.58 0.37
C ASP A 577 -31.90 -17.94 -0.94
N ARG A 578 -30.83 -17.15 -0.97
CA ARG A 578 -30.54 -16.42 -2.21
C ARG A 578 -29.44 -17.10 -2.99
N TYR A 579 -29.64 -17.33 -4.29
CA TYR A 579 -28.61 -17.91 -5.15
C TYR A 579 -28.27 -16.85 -6.18
N LEU A 580 -27.15 -16.95 -6.89
CA LEU A 580 -26.85 -16.01 -8.00
C LEU A 580 -26.75 -16.79 -9.29
N LEU A 581 -27.63 -16.53 -10.24
CA LEU A 581 -27.61 -17.19 -11.54
C LEU A 581 -26.82 -16.30 -12.48
N ALA A 582 -25.63 -16.76 -12.87
CA ALA A 582 -24.72 -16.00 -13.72
C ALA A 582 -24.50 -16.73 -15.03
N SER A 583 -24.66 -16.01 -16.13
CA SER A 583 -24.50 -16.58 -17.47
C SER A 583 -23.26 -15.97 -18.10
N GLU A 584 -22.53 -16.78 -18.85
CA GLU A 584 -21.29 -16.36 -19.49
C GLU A 584 -21.56 -15.26 -20.51
N LEU A 585 -20.69 -14.26 -20.54
CA LEU A 585 -20.69 -13.28 -21.61
C LEU A 585 -19.62 -13.68 -22.62
N LYS A 586 -19.98 -14.63 -23.48
CA LYS A 586 -19.06 -15.09 -24.51
C LYS A 586 -18.87 -13.98 -25.53
N HIS A 587 -17.62 -13.59 -25.75
CA HIS A 587 -17.32 -12.65 -26.81
C HIS A 587 -17.06 -13.34 -28.13
N GLU A 588 -16.85 -14.66 -28.09
CA GLU A 588 -16.66 -15.49 -29.28
C GLU A 588 -17.97 -15.97 -29.86
N GLN A 589 -19.10 -15.75 -29.20
CA GLN A 589 -20.38 -16.28 -29.61
C GLN A 589 -21.47 -15.39 -29.03
N ILE A 590 -22.68 -15.53 -29.57
CA ILE A 590 -23.82 -14.83 -29.00
C ILE A 590 -24.01 -15.25 -27.55
N ASN A 591 -24.22 -14.26 -26.68
CA ASN A 591 -24.35 -14.49 -25.26
C ASN A 591 -25.74 -15.00 -24.91
N HIS A 592 -25.91 -15.38 -23.64
CA HIS A 592 -27.17 -15.93 -23.16
C HIS A 592 -28.03 -14.92 -22.41
N VAL A 593 -27.71 -13.62 -22.42
CA VAL A 593 -28.48 -12.63 -21.60
C VAL A 593 -29.95 -12.69 -22.01
N SER A 594 -30.23 -12.73 -23.30
CA SER A 594 -31.62 -12.74 -23.79
C SER A 594 -32.34 -14.02 -23.40
N THR A 595 -31.63 -15.15 -23.28
CA THR A 595 -32.24 -16.43 -22.84
C THR A 595 -32.44 -16.47 -21.33
N ILE A 596 -31.75 -15.63 -20.55
CA ILE A 596 -32.04 -15.56 -19.09
C ILE A 596 -33.31 -14.74 -18.97
N LEU A 597 -33.36 -13.54 -19.56
CA LEU A 597 -34.51 -12.62 -19.36
C LEU A 597 -35.73 -13.04 -20.16
N ASN A 598 -35.65 -14.11 -20.93
CA ASN A 598 -36.88 -14.55 -21.62
C ASN A 598 -37.56 -15.63 -20.80
N LYS A 599 -37.06 -15.89 -19.60
CA LYS A 599 -37.69 -16.91 -18.71
C LYS A 599 -38.31 -16.20 -17.51
N LEU A 600 -37.93 -14.96 -17.25
CA LEU A 600 -38.47 -14.16 -16.14
C LEU A 600 -39.91 -13.74 -16.49
N ASP A 601 -40.94 -14.26 -15.80
CA ASP A 601 -42.35 -13.85 -16.01
C ASP A 601 -42.84 -13.06 -14.80
N LYS A 602 -44.13 -13.16 -14.42
CA LYS A 602 -44.66 -12.51 -13.24
C LYS A 602 -45.28 -13.49 -12.25
N SER A 603 -45.48 -14.74 -12.64
CA SER A 603 -46.08 -15.76 -11.78
C SER A 603 -45.19 -17.01 -11.79
N SER A 604 -44.37 -17.15 -10.77
CA SER A 604 -43.52 -18.32 -10.57
C SER A 604 -43.05 -18.29 -9.12
N GLU A 605 -42.50 -19.42 -8.67
CA GLU A 605 -42.21 -19.54 -7.24
C GLU A 605 -40.90 -18.88 -6.83
N PHE A 606 -39.91 -18.82 -7.73
CA PHE A 606 -38.63 -18.23 -7.38
C PHE A 606 -38.61 -16.76 -7.77
N ILE A 607 -38.24 -15.91 -6.83
CA ILE A 607 -38.15 -14.47 -7.05
C ILE A 607 -36.78 -14.16 -7.63
N THR A 608 -36.69 -13.18 -8.53
CA THR A 608 -35.42 -12.77 -9.09
C THR A 608 -35.26 -11.26 -9.01
N TYR A 609 -34.16 -10.82 -8.42
CA TYR A 609 -33.83 -9.40 -8.33
C TYR A 609 -32.71 -9.10 -9.32
N GLN A 610 -32.86 -8.02 -10.06
CA GLN A 610 -31.80 -7.52 -10.92
C GLN A 610 -31.82 -5.99 -10.88
N VAL A 611 -30.63 -5.40 -10.91
CA VAL A 611 -30.47 -3.97 -10.65
C VAL A 611 -30.46 -3.23 -11.98
N LYS A 612 -31.04 -2.03 -12.00
CA LYS A 612 -30.98 -1.14 -13.15
C LYS A 612 -30.64 0.25 -12.64
N SER A 613 -29.48 0.77 -13.04
CA SER A 613 -29.02 2.06 -12.57
C SER A 613 -28.23 2.76 -13.68
N LEU A 614 -28.12 4.08 -13.56
CA LEU A 614 -27.44 4.89 -14.55
C LEU A 614 -26.68 6.00 -13.84
N THR A 615 -25.43 6.20 -14.21
CA THR A 615 -24.63 7.29 -13.68
C THR A 615 -23.80 7.95 -14.77
N LYS A 706 -31.06 9.70 -7.62
CA LYS A 706 -32.40 9.26 -8.00
C LYS A 706 -32.37 8.37 -9.24
N SER A 707 -31.36 7.50 -9.32
CA SER A 707 -31.13 6.74 -10.54
C SER A 707 -30.91 5.26 -10.27
N TYR A 708 -31.80 4.61 -9.52
CA TYR A 708 -31.60 3.22 -9.15
C TYR A 708 -32.94 2.51 -9.00
N LEU A 709 -33.00 1.26 -9.46
CA LEU A 709 -34.18 0.43 -9.31
C LEU A 709 -33.75 -1.02 -9.12
N LEU A 710 -34.34 -1.71 -8.17
CA LEU A 710 -34.07 -3.12 -7.90
C LEU A 710 -35.30 -3.91 -8.34
N GLN A 711 -35.31 -4.34 -9.59
CA GLN A 711 -36.52 -4.90 -10.17
C GLN A 711 -36.64 -6.40 -9.87
N SER A 712 -37.85 -6.82 -9.50
CA SER A 712 -38.14 -8.19 -9.11
C SER A 712 -39.13 -8.82 -10.07
N ASP A 713 -38.81 -10.02 -10.53
CA ASP A 713 -39.70 -10.84 -11.35
C ASP A 713 -39.70 -12.24 -10.76
N THR A 714 -40.26 -13.21 -11.48
CA THR A 714 -40.24 -14.59 -11.01
C THR A 714 -39.89 -15.54 -12.14
N ILE A 715 -39.19 -16.62 -11.80
CA ILE A 715 -38.82 -17.66 -12.74
C ILE A 715 -39.09 -19.03 -12.13
N SER A 716 -39.66 -19.92 -12.93
CA SER A 716 -40.03 -21.24 -12.43
C SER A 716 -38.82 -22.14 -12.33
N LYS A 717 -39.01 -23.33 -11.75
CA LYS A 717 -37.89 -24.24 -11.52
C LYS A 717 -37.43 -24.89 -12.81
N GLN A 718 -38.36 -25.20 -13.73
CA GLN A 718 -37.95 -25.76 -15.01
C GLN A 718 -37.06 -24.81 -15.78
N SER A 719 -37.33 -23.51 -15.69
CA SER A 719 -36.49 -22.52 -16.37
C SER A 719 -35.07 -22.52 -15.83
N ILE A 720 -34.92 -22.54 -14.51
CA ILE A 720 -33.58 -22.62 -13.93
C ILE A 720 -32.90 -23.91 -14.33
N ALA A 721 -33.66 -25.01 -14.36
CA ALA A 721 -33.09 -26.27 -14.78
C ALA A 721 -32.52 -26.18 -16.19
N SER A 722 -33.34 -25.69 -17.14
CA SER A 722 -32.87 -25.61 -18.52
C SER A 722 -31.69 -24.67 -18.66
N LEU A 723 -31.72 -23.55 -17.94
CA LEU A 723 -30.61 -22.60 -18.01
C LEU A 723 -29.32 -23.21 -17.51
N VAL A 724 -29.37 -23.95 -16.41
CA VAL A 724 -28.16 -24.54 -15.86
C VAL A 724 -27.65 -25.67 -16.74
N GLU A 725 -28.55 -26.49 -17.28
CA GLU A 725 -28.08 -27.51 -18.21
C GLU A 725 -27.54 -26.89 -19.50
N GLY A 726 -27.93 -25.65 -19.79
CA GLY A 726 -27.39 -24.97 -20.94
C GLY A 726 -25.97 -24.46 -20.75
N GLY A 727 -25.51 -24.37 -19.51
CA GLY A 727 -24.14 -23.96 -19.24
C GLY A 727 -23.99 -22.83 -18.23
N CYS A 728 -25.08 -22.22 -17.75
CA CYS A 728 -24.95 -21.12 -16.81
C CYS A 728 -24.64 -21.67 -15.41
N LEU A 729 -24.30 -20.76 -14.51
CA LEU A 729 -23.80 -21.09 -13.19
C LEU A 729 -24.81 -20.66 -12.14
N LEU A 730 -24.95 -21.44 -11.08
CA LEU A 730 -25.79 -21.08 -9.95
C LEU A 730 -24.95 -21.19 -8.68
N LEU A 731 -24.83 -20.07 -7.96
CA LEU A 731 -23.95 -20.01 -6.79
C LEU A 731 -24.77 -19.62 -5.56
N PRO A 732 -24.81 -20.44 -4.52
CA PRO A 732 -25.45 -20.01 -3.29
C PRO A 732 -24.69 -18.85 -2.68
N ILE A 733 -25.41 -18.00 -1.96
CA ILE A 733 -24.82 -16.89 -1.22
C ILE A 733 -24.89 -17.26 0.26
N ILE A 734 -23.75 -17.58 0.85
CA ILE A 734 -23.68 -18.25 2.15
C ILE A 734 -23.11 -17.29 3.19
N ASN A 735 -23.64 -17.40 4.41
CA ASN A 735 -23.16 -16.62 5.54
C ASN A 735 -23.49 -17.43 6.78
N GLN A 736 -22.86 -17.10 7.89
CA GLN A 736 -23.16 -17.83 9.12
C GLN A 736 -24.54 -17.51 9.63
N ASP A 737 -25.02 -16.29 9.37
CA ASP A 737 -26.31 -15.84 9.88
C ASP A 737 -27.43 -16.07 8.87
N ILE A 738 -27.14 -15.91 7.58
CA ILE A 738 -28.13 -16.15 6.54
C ILE A 738 -28.62 -17.60 6.60
N THR A 739 -27.73 -18.54 6.90
CA THR A 739 -28.01 -19.95 6.78
C THR A 739 -28.01 -20.71 8.10
N SER A 740 -28.13 -20.02 9.24
CA SER A 740 -28.18 -20.73 10.50
C SER A 740 -29.58 -21.31 10.72
N LYS A 741 -29.72 -22.14 11.75
CA LYS A 741 -30.98 -22.85 11.95
C LYS A 741 -32.13 -21.94 12.33
N GLU A 742 -31.85 -20.72 12.79
CA GLU A 742 -32.89 -19.75 13.09
C GLU A 742 -32.81 -18.48 12.26
N ARG A 743 -31.67 -18.23 11.61
CA ARG A 743 -31.53 -17.20 10.59
C ARG A 743 -31.69 -15.79 11.14
N LYS A 744 -31.35 -15.59 12.42
CA LYS A 744 -31.33 -14.25 12.99
C LYS A 744 -30.06 -13.54 12.56
N ASP A 745 -30.19 -12.31 12.08
CA ASP A 745 -29.04 -11.56 11.58
C ASP A 745 -28.34 -10.87 12.74
N LYS A 746 -27.06 -11.13 12.88
CA LYS A 746 -26.28 -10.54 13.96
C LYS A 746 -25.04 -9.82 13.48
N ASN A 747 -24.49 -10.23 12.34
CA ASN A 747 -23.42 -9.45 11.71
C ASN A 747 -24.02 -8.19 11.10
N GLN A 748 -23.17 -7.21 10.85
CA GLN A 748 -23.65 -6.04 10.11
C GLN A 748 -23.83 -6.37 8.64
N PHE A 749 -23.02 -7.28 8.11
CA PHE A 749 -23.18 -7.67 6.71
C PHE A 749 -24.50 -8.36 6.48
N SER A 750 -24.93 -9.22 7.40
CA SER A 750 -26.22 -9.89 7.22
C SER A 750 -27.38 -8.91 7.33
N LYS A 751 -27.31 -7.97 8.26
CA LYS A 751 -28.34 -6.94 8.36
C LYS A 751 -28.41 -6.12 7.08
N ASP A 752 -27.26 -5.73 6.53
CA ASP A 752 -27.26 -4.97 5.28
C ASP A 752 -27.75 -5.82 4.11
N TRP A 753 -27.45 -7.12 4.11
CA TRP A 753 -27.95 -7.98 3.06
C TRP A 753 -29.47 -8.03 3.09
N ASN A 754 -30.05 -8.17 4.27
CA ASN A 754 -31.51 -8.22 4.34
C ASN A 754 -32.15 -6.86 4.24
N HIS A 755 -31.37 -5.78 4.31
CA HIS A 755 -31.89 -4.42 4.13
C HIS A 755 -31.75 -3.92 2.70
N ILE A 756 -30.82 -4.46 1.92
CA ILE A 756 -30.70 -4.11 0.50
C ILE A 756 -31.95 -4.56 -0.26
N PHE A 757 -32.39 -5.78 0.00
CA PHE A 757 -33.46 -6.39 -0.76
C PHE A 757 -34.84 -6.03 -0.25
N GLU A 758 -34.94 -5.08 0.67
CA GLU A 758 -36.23 -4.46 0.97
C GLU A 758 -36.67 -3.54 -0.15
N GLY A 759 -35.82 -3.29 -1.13
CA GLY A 759 -36.18 -2.53 -2.32
C GLY A 759 -35.94 -1.04 -2.24
N SER A 760 -35.51 -0.53 -1.10
CA SER A 760 -35.39 0.91 -0.93
C SER A 760 -34.28 1.47 -1.83
N LYS A 761 -34.22 2.81 -1.90
CA LYS A 761 -33.27 3.51 -2.73
C LYS A 761 -32.18 4.20 -1.93
N GLU A 762 -32.39 4.40 -0.62
CA GLU A 762 -31.35 4.97 0.22
C GLU A 762 -30.27 3.96 0.58
N PHE A 763 -30.53 2.67 0.36
CA PHE A 763 -29.54 1.61 0.52
C PHE A 763 -29.50 0.86 -0.80
N ARG A 764 -28.47 1.11 -1.59
CA ARG A 764 -28.39 0.67 -2.97
C ARG A 764 -27.40 -0.47 -3.11
N LEU A 765 -27.61 -1.28 -4.14
CA LEU A 765 -26.69 -2.34 -4.52
C LEU A 765 -25.96 -1.89 -5.78
N HIS A 766 -24.63 -1.91 -5.74
CA HIS A 766 -23.87 -1.57 -6.93
C HIS A 766 -23.98 -2.70 -7.94
N PRO A 767 -24.26 -2.42 -9.22
CA PRO A 767 -24.66 -3.47 -10.14
C PRO A 767 -23.67 -4.61 -10.31
N GLU A 768 -22.38 -4.35 -10.37
CA GLU A 768 -21.40 -5.40 -10.63
C GLU A 768 -20.52 -5.66 -9.42
N PHE A 769 -20.11 -6.92 -9.28
CA PHE A 769 -19.34 -7.41 -8.15
C PHE A 769 -18.41 -8.50 -8.63
N ALA A 770 -17.31 -8.71 -7.92
CA ALA A 770 -16.30 -9.67 -8.34
C ALA A 770 -16.37 -10.94 -7.51
N VAL A 771 -16.56 -12.08 -8.18
CA VAL A 771 -16.55 -13.39 -7.53
C VAL A 771 -15.18 -14.02 -7.75
N SER A 772 -14.55 -14.46 -6.68
CA SER A 772 -13.22 -15.05 -6.70
C SER A 772 -13.27 -16.39 -6.00
N TYR A 773 -12.12 -17.02 -5.82
CA TYR A 773 -12.08 -18.26 -5.07
C TYR A 773 -10.69 -18.49 -4.53
N ARG A 774 -10.61 -19.34 -3.51
CA ARG A 774 -9.32 -19.80 -3.00
C ARG A 774 -9.34 -21.31 -2.88
N THR A 775 -8.23 -21.92 -3.24
CA THR A 775 -8.08 -23.36 -3.28
C THR A 775 -7.78 -23.92 -1.90
N PRO A 776 -8.05 -25.20 -1.68
CA PRO A 776 -7.82 -25.76 -0.35
C PRO A 776 -6.34 -25.93 -0.06
N ILE A 777 -6.00 -25.90 1.22
CA ILE A 777 -4.64 -26.13 1.66
C ILE A 777 -4.46 -27.61 1.96
N GLU A 778 -3.31 -28.15 1.57
CA GLU A 778 -3.10 -29.59 1.71
C GLU A 778 -3.00 -29.98 3.17
N GLY A 779 -3.63 -31.11 3.51
CA GLY A 779 -3.61 -31.62 4.85
C GLY A 779 -4.59 -30.99 5.81
N TYR A 780 -5.45 -30.08 5.35
CA TYR A 780 -6.44 -29.52 6.25
C TYR A 780 -7.70 -30.36 6.23
N PRO A 781 -8.47 -30.37 7.32
CA PRO A 781 -9.73 -31.09 7.32
C PRO A 781 -10.75 -30.40 6.44
N VAL A 782 -11.65 -31.19 5.86
CA VAL A 782 -12.68 -30.62 5.00
C VAL A 782 -13.65 -29.75 5.80
N GLN A 783 -13.81 -30.01 7.10
CA GLN A 783 -14.70 -29.17 7.89
C GLN A 783 -14.21 -27.73 7.93
N LYS A 784 -12.91 -27.52 8.11
CA LYS A 784 -12.37 -26.18 8.15
C LYS A 784 -12.54 -25.49 6.81
N ARG A 785 -12.71 -24.18 6.85
CA ARG A 785 -12.83 -23.41 5.62
C ARG A 785 -11.55 -23.39 4.81
N TYR A 786 -10.43 -23.82 5.38
CA TYR A 786 -9.18 -23.89 4.66
C TYR A 786 -8.90 -25.29 4.14
N GLY A 787 -9.85 -26.20 4.29
CA GLY A 787 -9.80 -27.47 3.61
C GLY A 787 -10.78 -27.58 2.47
N ARG A 788 -11.46 -26.49 2.12
CA ARG A 788 -12.47 -26.50 1.08
C ARG A 788 -12.18 -25.42 0.06
N LEU A 789 -12.37 -25.77 -1.22
CA LEU A 789 -12.32 -24.80 -2.30
C LEU A 789 -13.44 -23.80 -2.09
N GLN A 790 -13.11 -22.54 -1.80
CA GLN A 790 -14.08 -21.58 -1.31
C GLN A 790 -14.22 -20.44 -2.30
N PHE A 791 -15.39 -20.32 -2.93
CA PHE A 791 -15.71 -19.17 -3.75
C PHE A 791 -16.20 -18.03 -2.84
N VAL A 792 -16.06 -16.81 -3.32
CA VAL A 792 -16.41 -15.63 -2.53
C VAL A 792 -16.99 -14.56 -3.46
N CYS A 793 -18.21 -14.12 -3.18
CA CYS A 793 -18.83 -12.99 -3.85
C CYS A 793 -18.54 -11.72 -3.07
N ALA A 794 -18.43 -10.60 -3.77
CA ALA A 794 -17.92 -9.37 -3.18
C ALA A 794 -18.85 -8.21 -3.46
N PHE A 795 -20.14 -8.39 -3.18
CA PHE A 795 -21.15 -7.36 -3.42
C PHE A 795 -20.73 -6.02 -2.87
N ASN A 796 -21.27 -4.96 -3.46
CA ASN A 796 -20.87 -3.60 -3.14
C ASN A 796 -22.13 -2.75 -2.96
N ALA A 797 -22.24 -2.07 -1.83
CA ALA A 797 -23.46 -1.36 -1.47
C ALA A 797 -23.17 0.11 -1.25
N HIS A 798 -24.12 0.97 -1.61
CA HIS A 798 -24.00 2.41 -1.44
C HIS A 798 -25.09 2.90 -0.49
N ILE A 799 -24.70 3.68 0.51
CA ILE A 799 -25.66 4.37 1.35
C ILE A 799 -25.76 5.80 0.83
N VAL A 800 -26.84 6.10 0.12
CA VAL A 800 -27.00 7.41 -0.49
C VAL A 800 -28.26 8.07 0.07
N PRO A 801 -28.15 9.24 0.67
CA PRO A 801 -29.34 9.86 1.28
C PRO A 801 -30.33 10.32 0.25
N GLN A 802 -31.59 10.41 0.66
CA GLN A 802 -32.65 10.99 -0.15
C GLN A 802 -33.20 12.29 0.41
N ASN A 803 -32.77 12.70 1.60
CA ASN A 803 -33.37 13.84 2.29
C ASN A 803 -33.03 15.18 1.66
N GLY A 804 -32.14 15.22 0.69
CA GLY A 804 -31.78 16.49 0.08
C GLY A 804 -30.71 16.31 -0.96
N GLU A 805 -29.84 17.31 -1.06
CA GLU A 805 -28.69 17.22 -1.96
C GLU A 805 -27.51 16.59 -1.24
N PHE A 806 -27.34 15.28 -1.43
CA PHE A 806 -26.20 14.58 -0.86
C PHE A 806 -24.91 15.01 -1.55
N ILE A 807 -23.83 15.09 -0.78
CA ILE A 807 -22.52 15.42 -1.34
C ILE A 807 -22.04 14.25 -2.19
N ASN A 808 -22.03 14.43 -3.49
CA ASN A 808 -21.61 13.37 -4.41
C ASN A 808 -20.15 13.01 -4.17
N LEU A 809 -19.79 11.78 -4.54
CA LEU A 809 -18.45 11.29 -4.24
C LEU A 809 -17.39 12.09 -5.00
N LYS A 810 -17.72 12.55 -6.21
CA LYS A 810 -16.82 13.43 -6.92
C LYS A 810 -16.61 14.73 -6.15
N LYS A 811 -17.69 15.27 -5.57
CA LYS A 811 -17.56 16.45 -4.73
C LYS A 811 -16.70 16.18 -3.51
N GLN A 812 -16.83 14.99 -2.92
CA GLN A 812 -15.97 14.63 -1.81
C GLN A 812 -14.50 14.62 -2.22
N ILE A 813 -14.20 14.02 -3.38
CA ILE A 813 -12.82 13.97 -3.84
C ILE A 813 -12.29 15.38 -4.07
N GLU A 814 -13.09 16.23 -4.72
CA GLU A 814 -12.64 17.60 -4.99
C GLU A 814 -12.40 18.34 -3.69
N ASN A 815 -13.24 18.12 -2.67
CA ASN A 815 -13.00 18.73 -1.38
C ASN A 815 -11.71 18.20 -0.76
N PHE A 816 -11.44 16.91 -0.92
CA PHE A 816 -10.26 16.32 -0.30
C PHE A 816 -8.98 16.86 -0.93
N ASN A 817 -9.02 17.12 -2.24
CA ASN A 817 -7.85 17.71 -2.89
C ASN A 817 -7.59 19.12 -2.37
N ASP A 818 -8.65 19.90 -2.15
CA ASP A 818 -8.52 21.30 -1.71
C ASP A 818 -8.24 21.35 -0.22
N GLU A 819 -7.30 22.21 0.19
CA GLU A 819 -7.02 22.35 1.62
C GLU A 819 -8.01 23.29 2.30
N ASP A 820 -8.29 24.44 1.69
CA ASP A 820 -9.12 25.44 2.34
C ASP A 820 -10.56 24.97 2.47
N VAL A 821 -11.02 24.16 1.52
CA VAL A 821 -12.33 23.55 1.65
C VAL A 821 -12.39 22.70 2.90
N GLN A 822 -11.34 21.91 3.15
CA GLN A 822 -11.28 21.14 4.39
C GLN A 822 -11.26 22.03 5.62
N LYS A 823 -10.50 23.12 5.59
CA LYS A 823 -10.44 23.96 6.77
C LYS A 823 -11.82 24.51 7.11
N ARG A 824 -12.51 25.06 6.11
CA ARG A 824 -13.85 25.56 6.36
C ARG A 824 -14.80 24.45 6.78
N ASN A 825 -14.67 23.27 6.17
CA ASN A 825 -15.58 22.17 6.49
C ASN A 825 -15.43 21.74 7.95
N VAL A 826 -14.20 21.55 8.40
CA VAL A 826 -13.98 21.10 9.77
C VAL A 826 -14.41 22.19 10.76
N THR A 827 -14.16 23.46 10.43
CA THR A 827 -14.57 24.53 11.33
C THR A 827 -16.09 24.60 11.44
N GLU A 828 -16.79 24.49 10.31
CA GLU A 828 -18.24 24.55 10.37
C GLU A 828 -18.83 23.31 11.03
N PHE A 829 -18.18 22.14 10.89
CA PHE A 829 -18.72 20.95 11.51
C PHE A 829 -18.57 20.99 13.02
N ASN A 830 -17.41 21.40 13.52
CA ASN A 830 -17.33 21.50 14.96
C ASN A 830 -18.15 22.66 15.49
N LYS A 831 -18.46 23.67 14.66
CA LYS A 831 -19.45 24.65 15.08
C LYS A 831 -20.83 24.01 15.23
N LYS A 832 -21.22 23.16 14.28
CA LYS A 832 -22.48 22.43 14.39
C LYS A 832 -22.52 21.63 15.68
N VAL A 833 -21.43 20.90 15.97
CA VAL A 833 -21.40 20.05 17.16
C VAL A 833 -21.50 20.90 18.42
N ASN A 834 -20.69 21.96 18.50
CA ASN A 834 -20.68 22.77 19.70
C ASN A 834 -22.04 23.42 19.95
N HIS A 835 -22.71 23.88 18.89
CA HIS A 835 -24.03 24.45 19.10
C HIS A 835 -25.05 23.39 19.47
N ALA A 836 -25.01 22.23 18.83
CA ALA A 836 -26.04 21.23 19.06
C ALA A 836 -25.84 20.46 20.35
N LEU A 837 -24.68 20.57 20.98
CA LEU A 837 -24.35 19.76 22.14
C LEU A 837 -24.00 20.57 23.39
N SER A 838 -23.56 21.82 23.24
CA SER A 838 -23.07 22.57 24.39
C SER A 838 -24.18 22.83 25.41
N ASP A 839 -25.38 23.15 24.93
CA ASP A 839 -26.47 23.49 25.85
C ASP A 839 -27.08 22.27 26.52
N LYS A 840 -26.85 21.07 26.00
CA LYS A 840 -27.43 19.87 26.56
C LYS A 840 -26.47 19.21 27.54
N GLU A 841 -27.01 18.25 28.29
CA GLU A 841 -26.23 17.55 29.30
C GLU A 841 -25.39 16.46 28.64
N TYR A 842 -24.07 16.62 28.68
CA TYR A 842 -23.18 15.70 27.99
C TYR A 842 -22.09 15.24 28.92
N VAL A 843 -21.40 14.17 28.51
CA VAL A 843 -20.31 13.59 29.27
C VAL A 843 -19.07 13.58 28.39
N VAL A 844 -17.93 13.28 29.00
CA VAL A 844 -16.64 13.27 28.32
C VAL A 844 -16.01 11.89 28.51
N ILE A 845 -15.66 11.25 27.40
CA ILE A 845 -15.16 9.88 27.40
C ILE A 845 -13.69 9.93 27.06
N GLY A 846 -12.83 9.90 28.07
CA GLY A 846 -11.41 10.00 27.83
C GLY A 846 -10.75 8.66 27.72
N ILE A 847 -10.07 8.40 26.61
CA ILE A 847 -9.38 7.15 26.36
C ILE A 847 -7.88 7.40 26.42
N ASP A 848 -7.18 6.63 27.23
CA ASP A 848 -5.75 6.84 27.44
C ASP A 848 -5.00 5.52 27.35
N ARG A 849 -3.72 5.62 27.04
CA ARG A 849 -2.85 4.44 27.00
C ARG A 849 -2.58 3.97 28.42
N GLY A 850 -1.63 3.05 28.58
CA GLY A 850 -1.30 2.60 29.91
C GLY A 850 -0.05 1.75 29.91
N LEU A 851 0.62 1.74 31.05
CA LEU A 851 1.78 0.88 31.26
C LEU A 851 1.39 -0.58 31.40
N LYS A 852 0.42 -0.89 32.25
CA LYS A 852 -0.02 -2.25 32.49
C LYS A 852 -1.33 -2.57 31.80
N GLN A 853 -2.22 -1.59 31.65
CA GLN A 853 -3.48 -1.76 30.94
C GLN A 853 -3.29 -1.21 29.53
N LEU A 854 -3.75 -1.95 28.53
CA LEU A 854 -3.50 -1.53 27.15
C LEU A 854 -4.14 -0.19 26.86
N ALA A 855 -5.37 0.02 27.31
CA ALA A 855 -6.06 1.30 27.20
C ALA A 855 -7.04 1.39 28.35
N THR A 856 -7.48 2.61 28.63
CA THR A 856 -8.29 2.88 29.80
C THR A 856 -9.30 3.98 29.48
N LEU A 857 -10.54 3.78 29.90
CA LEU A 857 -11.64 4.66 29.52
C LEU A 857 -12.29 5.24 30.77
N CYS A 858 -12.46 6.56 30.81
CA CYS A 858 -13.14 7.20 31.94
C CYS A 858 -14.18 8.17 31.43
N VAL A 859 -15.37 8.15 32.02
CA VAL A 859 -16.48 8.99 31.60
C VAL A 859 -16.78 9.99 32.70
N LEU A 860 -16.51 11.26 32.44
CA LEU A 860 -16.70 12.34 33.39
C LEU A 860 -17.94 13.14 33.04
N ASP A 861 -18.54 13.75 34.05
CA ASP A 861 -19.66 14.64 33.81
C ASP A 861 -19.16 16.01 33.37
N LYS A 862 -20.06 16.80 32.78
CA LYS A 862 -19.66 18.08 32.21
C LYS A 862 -19.22 19.06 33.29
N ARG A 863 -19.43 18.74 34.55
CA ARG A 863 -18.89 19.54 35.65
C ARG A 863 -17.55 19.02 36.15
N GLY A 864 -17.12 17.84 35.71
CA GLY A 864 -15.86 17.26 36.12
C GLY A 864 -15.94 16.14 37.14
N LYS A 865 -17.12 15.68 37.51
CA LYS A 865 -17.23 14.60 38.49
C LYS A 865 -17.27 13.26 37.78
N ILE A 866 -16.63 12.26 38.40
CA ILE A 866 -16.49 10.96 37.78
C ILE A 866 -17.86 10.28 37.71
N LEU A 867 -18.21 9.81 36.52
CA LEU A 867 -19.55 9.31 36.24
C LEU A 867 -19.46 7.88 35.74
N GLY A 868 -20.51 7.11 35.94
CA GLY A 868 -20.54 5.74 35.38
C GLY A 868 -20.21 4.69 36.42
N ASP A 869 -21.02 3.64 36.49
CA ASP A 869 -20.67 2.50 37.37
C ASP A 869 -20.82 1.29 36.47
N PHE A 870 -19.79 0.96 35.71
CA PHE A 870 -19.89 -0.13 34.73
C PHE A 870 -19.95 -1.46 35.47
N GLU A 871 -20.83 -2.36 35.06
CA GLU A 871 -20.92 -3.70 35.67
C GLU A 871 -20.27 -4.70 34.72
N ILE A 872 -19.16 -5.31 35.14
CA ILE A 872 -18.39 -6.22 34.25
C ILE A 872 -18.87 -7.65 34.51
N TYR A 873 -19.26 -8.40 33.47
CA TYR A 873 -19.85 -9.75 33.61
C TYR A 873 -18.81 -10.86 33.47
N LYS A 874 -19.22 -12.14 33.50
CA LYS A 874 -18.30 -13.30 33.39
C LYS A 874 -19.09 -14.42 32.71
N LYS A 875 -18.54 -15.11 31.70
CA LYS A 875 -19.26 -16.12 30.95
C LYS A 875 -19.12 -17.49 31.60
N GLU A 876 -20.04 -18.37 31.25
CA GLU A 876 -19.93 -19.77 31.65
C GLU A 876 -20.86 -20.61 30.79
N PHE A 877 -20.33 -21.60 30.10
CA PHE A 877 -21.12 -22.43 29.20
C PHE A 877 -21.82 -23.52 29.99
N VAL A 878 -23.14 -23.45 30.07
CA VAL A 878 -23.93 -24.45 30.79
C VAL A 878 -24.47 -25.46 29.78
N ARG A 879 -24.28 -26.74 30.08
CA ARG A 879 -24.71 -27.82 29.20
C ARG A 879 -26.16 -28.17 29.51
N ALA A 880 -26.97 -28.28 28.46
CA ALA A 880 -28.36 -28.65 28.66
C ALA A 880 -28.55 -30.15 28.48
N GLU A 881 -29.67 -30.65 29.00
CA GLU A 881 -29.98 -32.07 28.83
C GLU A 881 -30.18 -32.41 27.36
N LYS A 882 -30.86 -31.54 26.63
CA LYS A 882 -30.88 -31.61 25.17
C LYS A 882 -29.70 -30.81 24.67
N ARG A 883 -28.77 -31.48 23.98
CA ARG A 883 -27.52 -30.84 23.61
C ARG A 883 -27.72 -29.63 22.71
N SER A 884 -28.87 -29.53 22.04
CA SER A 884 -29.10 -28.47 21.08
C SER A 884 -29.42 -27.13 21.70
N GLU A 885 -29.65 -27.05 23.01
CA GLU A 885 -30.00 -25.79 23.64
C GLU A 885 -29.02 -25.38 24.73
N SER A 886 -27.76 -25.78 24.64
CA SER A 886 -26.77 -25.25 25.56
C SER A 886 -26.56 -23.77 25.26
N HIS A 887 -26.07 -23.04 26.27
CA HIS A 887 -25.96 -21.60 26.13
C HIS A 887 -24.96 -21.07 27.15
N TRP A 888 -24.46 -19.87 26.88
CA TRP A 888 -23.58 -19.17 27.80
C TRP A 888 -24.43 -18.40 28.80
N GLU A 889 -24.13 -18.58 30.08
CA GLU A 889 -24.84 -17.88 31.14
C GLU A 889 -23.93 -16.80 31.71
N HIS A 890 -24.38 -15.56 31.64
CA HIS A 890 -23.62 -14.41 32.10
C HIS A 890 -24.07 -14.02 33.50
N THR A 891 -23.10 -13.88 34.41
CA THR A 891 -23.35 -13.43 35.77
C THR A 891 -22.45 -12.25 36.07
N GLN A 892 -22.92 -11.36 36.93
CA GLN A 892 -22.14 -10.18 37.28
C GLN A 892 -20.94 -10.57 38.13
N ALA A 893 -19.78 -10.06 37.77
CA ALA A 893 -18.55 -10.42 38.45
C ALA A 893 -17.85 -9.26 39.11
N GLU A 894 -18.07 -8.03 38.65
CA GLU A 894 -17.30 -6.90 39.17
C GLU A 894 -18.07 -5.62 38.87
N THR A 895 -17.76 -4.56 39.59
CA THR A 895 -18.24 -3.23 39.26
C THR A 895 -17.08 -2.25 39.32
N ARG A 896 -16.95 -1.44 38.28
CA ARG A 896 -15.81 -0.54 38.13
C ARG A 896 -16.30 0.78 37.56
N HIS A 897 -15.51 1.85 37.77
CA HIS A 897 -15.82 3.10 37.10
C HIS A 897 -14.72 3.54 36.14
N ILE A 898 -13.62 2.81 36.06
CA ILE A 898 -12.56 3.09 35.10
C ILE A 898 -12.30 1.78 34.35
N LEU A 899 -12.77 1.70 33.11
CA LEU A 899 -12.66 0.45 32.37
C LEU A 899 -11.21 0.13 32.03
N ASP A 900 -10.88 -1.15 32.07
CA ASP A 900 -9.59 -1.65 31.61
C ASP A 900 -9.82 -2.28 30.25
N LEU A 901 -9.67 -1.48 29.20
CA LEU A 901 -10.07 -1.95 27.87
C LEU A 901 -9.20 -3.03 27.33
N SER A 902 -8.29 -3.65 28.10
CA SER A 902 -7.45 -4.70 27.54
C SER A 902 -8.28 -5.92 27.16
N ASN A 903 -8.92 -6.55 28.16
CA ASN A 903 -9.57 -7.84 27.98
C ASN A 903 -11.08 -7.76 27.92
N LEU A 904 -11.66 -6.57 27.86
CA LEU A 904 -13.11 -6.49 27.79
C LEU A 904 -13.61 -6.80 26.39
N ARG A 905 -14.90 -7.11 26.32
CA ARG A 905 -15.62 -7.17 25.05
C ARG A 905 -17.09 -7.02 25.34
N VAL A 906 -17.80 -6.29 24.50
CA VAL A 906 -19.24 -6.15 24.64
C VAL A 906 -19.91 -7.38 24.08
N GLU A 907 -20.77 -8.00 24.87
CA GLU A 907 -21.33 -9.30 24.56
C GLU A 907 -22.81 -9.30 24.90
N THR A 908 -23.60 -9.98 24.07
CA THR A 908 -25.04 -9.97 24.17
C THR A 908 -25.52 -11.19 24.94
N THR A 909 -26.23 -10.94 26.04
CA THR A 909 -26.80 -12.03 26.83
C THR A 909 -27.87 -12.72 26.02
N ILE A 910 -28.15 -14.00 26.33
CA ILE A 910 -29.22 -14.69 25.64
C ILE A 910 -30.59 -14.11 25.97
N GLU A 911 -30.66 -13.20 26.93
CA GLU A 911 -31.89 -12.46 27.19
C GLU A 911 -32.05 -11.24 26.30
N GLY A 912 -31.03 -10.91 25.50
CA GLY A 912 -31.07 -9.78 24.60
C GLY A 912 -30.27 -8.58 25.04
N LYS A 913 -29.90 -8.50 26.32
CA LYS A 913 -29.15 -7.36 26.83
C LYS A 913 -27.74 -7.33 26.25
N LYS A 914 -27.15 -6.14 26.25
CA LYS A 914 -25.74 -5.95 25.90
C LYS A 914 -24.98 -5.60 27.16
N VAL A 915 -23.93 -6.35 27.45
CA VAL A 915 -23.16 -6.19 28.67
C VAL A 915 -21.70 -6.14 28.30
N LEU A 916 -20.87 -5.75 29.26
CA LEU A 916 -19.42 -5.80 29.09
C LEU A 916 -18.89 -6.99 29.87
N VAL A 917 -18.25 -7.93 29.18
CA VAL A 917 -17.66 -9.08 29.85
C VAL A 917 -16.16 -8.95 29.82
N ASP A 918 -15.53 -9.48 30.86
CA ASP A 918 -14.07 -9.55 30.99
C ASP A 918 -13.65 -10.95 30.57
N GLN A 919 -12.95 -11.05 29.44
CA GLN A 919 -12.62 -12.37 28.91
C GLN A 919 -11.50 -13.05 29.69
N SER A 920 -10.77 -12.32 30.53
CA SER A 920 -9.70 -12.96 31.30
C SER A 920 -10.23 -13.74 32.49
N LEU A 921 -11.47 -13.50 32.90
CA LEU A 921 -12.02 -14.15 34.08
C LEU A 921 -12.44 -15.59 33.83
N THR A 922 -12.48 -16.03 32.58
CA THR A 922 -12.92 -17.37 32.22
C THR A 922 -11.75 -18.17 31.67
N LEU A 923 -11.68 -19.44 32.05
CA LEU A 923 -10.65 -20.33 31.57
C LEU A 923 -11.08 -20.97 30.25
N VAL A 924 -10.08 -21.40 29.47
CA VAL A 924 -10.34 -22.02 28.18
C VAL A 924 -9.77 -23.43 28.20
N LYS A 925 -9.98 -24.15 27.11
CA LYS A 925 -9.59 -25.55 27.01
C LYS A 925 -8.30 -25.70 26.22
N LYS A 926 -7.48 -26.64 26.65
CA LYS A 926 -6.19 -26.88 26.02
C LYS A 926 -6.36 -27.28 24.57
N ASN A 927 -6.99 -28.43 24.34
CA ASN A 927 -7.30 -28.90 23.00
C ASN A 927 -8.77 -28.64 22.73
N ARG A 928 -9.06 -27.92 21.65
CA ARG A 928 -10.45 -27.57 21.42
C ARG A 928 -11.24 -28.80 20.97
N ASP A 929 -12.57 -28.67 21.02
CA ASP A 929 -13.48 -29.77 20.75
C ASP A 929 -13.24 -30.94 21.70
N THR A 930 -13.21 -30.63 22.99
CA THR A 930 -13.17 -31.63 24.05
C THR A 930 -14.23 -31.29 25.08
N PRO A 931 -15.51 -31.47 24.72
CA PRO A 931 -16.59 -31.04 25.63
C PRO A 931 -16.57 -31.76 26.96
N ASP A 932 -16.04 -32.98 27.04
CA ASP A 932 -16.00 -33.71 28.29
C ASP A 932 -14.94 -33.21 29.25
N GLU A 933 -13.86 -32.62 28.75
CA GLU A 933 -12.80 -32.15 29.61
C GLU A 933 -13.20 -30.82 30.27
N GLU A 934 -12.40 -30.40 31.23
CA GLU A 934 -12.63 -29.16 31.97
C GLU A 934 -11.62 -28.11 31.54
N ALA A 935 -12.04 -26.85 31.56
CA ALA A 935 -11.17 -25.76 31.14
C ALA A 935 -9.99 -25.64 32.10
N THR A 936 -8.78 -25.61 31.54
CA THR A 936 -7.57 -25.53 32.33
C THR A 936 -6.71 -24.32 32.01
N GLU A 937 -6.58 -23.98 30.74
CA GLU A 937 -5.58 -23.02 30.29
C GLU A 937 -6.05 -21.59 30.50
N GLU A 938 -5.22 -20.67 30.03
CA GLU A 938 -5.43 -19.24 30.16
C GLU A 938 -5.71 -18.63 28.80
N ASN A 939 -6.59 -17.64 28.77
CA ASN A 939 -7.02 -17.04 27.52
C ASN A 939 -5.81 -16.55 26.74
N LYS A 940 -5.78 -16.85 25.44
CA LYS A 940 -4.56 -16.63 24.66
C LYS A 940 -4.21 -15.16 24.56
N GLN A 941 -5.21 -14.30 24.36
CA GLN A 941 -4.95 -12.87 24.27
C GLN A 941 -4.35 -12.34 25.57
N LYS A 942 -4.78 -12.91 26.70
CA LYS A 942 -4.25 -12.46 27.98
C LYS A 942 -2.75 -12.76 28.08
N ILE A 943 -2.32 -13.93 27.65
CA ILE A 943 -0.90 -14.24 27.74
C ILE A 943 -0.12 -13.51 26.66
N LYS A 944 -0.77 -13.16 25.54
CA LYS A 944 -0.11 -12.30 24.57
C LYS A 944 0.19 -10.94 25.17
N LEU A 945 -0.76 -10.36 25.90
CA LEU A 945 -0.51 -9.09 26.56
C LEU A 945 0.51 -9.21 27.68
N LYS A 946 0.52 -10.36 28.37
CA LYS A 946 1.56 -10.65 29.35
C LYS A 946 2.95 -10.58 28.73
N GLN A 947 3.14 -11.32 27.63
CA GLN A 947 4.44 -11.32 26.97
C GLN A 947 4.78 -9.96 26.39
N LEU A 948 3.78 -9.23 25.94
CA LEU A 948 4.01 -7.87 25.44
C LEU A 948 4.54 -6.96 26.54
N SER A 949 3.99 -7.07 27.75
CA SER A 949 4.52 -6.28 28.84
C SER A 949 5.94 -6.69 29.18
N TYR A 950 6.25 -7.99 29.08
CA TYR A 950 7.64 -8.41 29.29
C TYR A 950 8.58 -7.79 28.26
N ILE A 951 8.14 -7.75 27.00
CA ILE A 951 8.97 -7.15 25.95
C ILE A 951 9.18 -5.67 26.20
N ARG A 952 8.13 -4.96 26.62
CA ARG A 952 8.29 -3.54 26.94
C ARG A 952 9.27 -3.34 28.09
N LYS A 953 9.21 -4.21 29.10
CA LYS A 953 10.18 -4.14 30.19
C LYS A 953 11.59 -4.32 29.65
N LEU A 954 11.79 -5.27 28.75
CA LEU A 954 13.13 -5.49 28.19
C LEU A 954 13.61 -4.27 27.43
N GLN A 955 12.74 -3.64 26.66
CA GLN A 955 13.16 -2.49 25.86
C GLN A 955 13.53 -1.29 26.74
N HIS A 956 12.67 -0.99 27.71
CA HIS A 956 13.02 0.06 28.66
C HIS A 956 14.29 -0.28 29.42
N LYS A 957 14.58 -1.56 29.62
CA LYS A 957 15.85 -1.92 30.24
C LYS A 957 17.01 -1.72 29.30
N MET A 958 16.84 -1.97 28.00
CA MET A 958 17.94 -1.69 27.08
C MET A 958 18.28 -0.21 27.05
N GLN A 959 17.26 0.65 26.97
CA GLN A 959 17.52 2.08 26.90
C GLN A 959 18.40 2.56 28.05
N THR A 960 18.23 2.00 29.24
CA THR A 960 18.98 2.48 30.38
C THR A 960 20.23 1.67 30.68
N ASN A 961 20.24 0.38 30.35
CA ASN A 961 21.27 -0.58 30.71
C ASN A 961 21.64 -1.46 29.53
N GLU A 962 21.94 -0.86 28.37
CA GLU A 962 22.32 -1.68 27.23
C GLU A 962 23.44 -2.66 27.55
N GLN A 963 24.37 -2.29 28.45
CA GLN A 963 25.42 -3.24 28.81
C GLN A 963 24.87 -4.41 29.63
N ASP A 964 24.00 -4.12 30.60
CA ASP A 964 23.39 -5.17 31.39
C ASP A 964 22.37 -5.98 30.59
N VAL A 965 22.00 -5.53 29.40
CA VAL A 965 21.18 -6.35 28.53
C VAL A 965 22.06 -7.24 27.66
N LEU A 966 23.10 -6.66 27.07
CA LEU A 966 24.02 -7.45 26.25
C LEU A 966 24.77 -8.52 27.04
N ASP A 967 24.94 -8.33 28.35
CA ASP A 967 25.64 -9.36 29.11
C ASP A 967 24.80 -10.62 29.29
N LEU A 968 23.54 -10.60 28.87
CA LEU A 968 22.63 -11.72 29.04
C LEU A 968 23.00 -12.94 28.20
N ILE A 969 23.80 -12.77 27.15
CA ILE A 969 24.08 -13.84 26.21
C ILE A 969 25.58 -14.11 26.16
N ASN A 970 26.26 -13.99 27.31
CA ASN A 970 27.72 -14.10 27.32
C ASN A 970 28.21 -15.42 26.75
N ASN A 971 27.56 -16.52 27.10
CA ASN A 971 28.08 -17.84 26.73
C ASN A 971 27.04 -18.71 26.03
N GLU A 972 26.19 -18.10 25.20
CA GLU A 972 25.09 -18.79 24.54
C GLU A 972 24.27 -19.59 25.57
N PRO A 973 23.69 -18.91 26.56
CA PRO A 973 23.11 -19.64 27.68
C PRO A 973 21.92 -20.50 27.25
N SER A 974 21.78 -21.63 27.94
CA SER A 974 20.61 -22.47 27.75
C SER A 974 19.37 -21.76 28.28
N ASP A 975 18.21 -22.17 27.76
CA ASP A 975 16.98 -21.44 28.03
C ASP A 975 16.69 -21.33 29.52
N GLU A 976 16.98 -22.38 30.29
CA GLU A 976 16.81 -22.27 31.74
C GLU A 976 17.73 -21.21 32.31
N GLU A 977 19.00 -21.22 31.91
CA GLU A 977 19.93 -20.20 32.38
C GLU A 977 19.53 -18.82 31.88
N PHE A 978 18.99 -18.73 30.66
CA PHE A 978 18.52 -17.44 30.15
C PHE A 978 17.39 -16.90 31.02
N LYS A 979 16.45 -17.75 31.41
CA LYS A 979 15.38 -17.29 32.30
C LYS A 979 15.94 -16.86 33.66
N LYS A 980 16.88 -17.64 34.20
CA LYS A 980 17.47 -17.28 35.48
C LYS A 980 18.13 -15.92 35.41
N ARG A 981 18.78 -15.61 34.29
CA ARG A 981 19.43 -14.32 34.13
C ARG A 981 18.42 -13.20 33.90
N ILE A 982 17.36 -13.47 33.14
CA ILE A 982 16.31 -12.47 32.94
C ILE A 982 15.73 -12.05 34.27
N GLU A 983 15.52 -13.01 35.17
CA GLU A 983 14.89 -12.67 36.44
C GLU A 983 15.71 -11.64 37.23
N GLY A 984 17.00 -11.49 36.91
CA GLY A 984 17.79 -10.47 37.58
C GLY A 984 17.41 -9.06 37.19
N LEU A 985 17.17 -8.82 35.90
CA LEU A 985 16.90 -7.47 35.40
C LEU A 985 15.43 -7.10 35.46
N ILE A 986 14.56 -7.94 34.93
CA ILE A 986 13.17 -7.61 34.68
C ILE A 986 12.35 -8.11 35.86
N SER A 987 11.64 -7.20 36.52
CA SER A 987 10.72 -7.59 37.58
C SER A 987 9.56 -8.41 37.00
N SER A 988 9.11 -9.39 37.76
CA SER A 988 8.07 -10.29 37.29
C SER A 988 6.78 -9.52 37.04
N PHE A 989 5.87 -10.13 36.27
CA PHE A 989 4.65 -9.46 35.86
C PHE A 989 3.75 -9.11 37.04
N GLY A 990 3.77 -9.91 38.11
CA GLY A 990 2.89 -9.69 39.22
C GLY A 990 1.61 -10.49 39.18
N GLU A 991 1.48 -11.43 38.26
CA GLU A 991 0.31 -12.29 38.21
C GLU A 991 0.44 -13.41 39.24
N GLY A 992 -0.42 -14.42 39.12
CA GLY A 992 -0.37 -15.54 40.04
C GLY A 992 0.94 -16.31 39.96
N GLN A 993 1.47 -16.49 38.75
CA GLN A 993 2.69 -17.27 38.55
C GLN A 993 3.80 -16.32 38.09
N LYS A 994 4.89 -16.29 38.83
CA LYS A 994 6.00 -15.40 38.51
C LYS A 994 6.81 -15.96 37.35
N TYR A 995 7.02 -15.12 36.33
CA TYR A 995 7.74 -15.51 35.12
C TYR A 995 7.09 -16.73 34.47
N ALA A 996 5.78 -16.65 34.30
CA ALA A 996 5.00 -17.80 33.83
C ALA A 996 5.22 -18.05 32.34
N ASP A 997 4.90 -17.06 31.51
CA ASP A 997 4.97 -17.26 30.06
C ASP A 997 5.97 -16.30 29.45
N LEU A 998 7.15 -16.22 30.04
CA LEU A 998 8.19 -15.32 29.57
C LEU A 998 8.56 -15.65 28.13
N PRO A 999 8.55 -14.68 27.22
CA PRO A 999 8.84 -14.97 25.80
C PRO A 999 10.34 -15.06 25.52
N ILE A 1000 10.96 -16.14 25.99
CA ILE A 1000 12.42 -16.26 25.91
C ILE A 1000 12.90 -16.20 24.47
N ASN A 1001 12.15 -16.81 23.54
CA ASN A 1001 12.57 -16.80 22.15
C ASN A 1001 12.66 -15.38 21.60
N THR A 1002 11.57 -14.61 21.72
CA THR A 1002 11.55 -13.27 21.12
C THR A 1002 12.54 -12.34 21.83
N MET A 1003 12.66 -12.46 23.15
CA MET A 1003 13.66 -11.66 23.86
C MET A 1003 15.06 -11.98 23.35
N ARG A 1004 15.35 -13.27 23.12
CA ARG A 1004 16.68 -13.64 22.67
C ARG A 1004 16.96 -13.10 21.28
N GLU A 1005 15.99 -13.20 20.37
CA GLU A 1005 16.22 -12.66 19.03
C GLU A 1005 16.04 -11.15 18.94
N MET A 1006 15.66 -10.47 20.01
CA MET A 1006 15.79 -9.02 20.04
C MET A 1006 17.13 -8.57 20.61
N ILE A 1007 17.62 -9.25 21.65
CA ILE A 1007 18.93 -8.91 22.18
C ILE A 1007 20.04 -9.26 21.20
N SER A 1008 19.93 -10.37 20.47
CA SER A 1008 20.94 -10.67 19.46
C SER A 1008 20.93 -9.63 18.35
N ASP A 1009 19.74 -9.13 17.98
CA ASP A 1009 19.66 -8.09 16.97
C ASP A 1009 20.32 -6.80 17.44
N LEU A 1010 20.10 -6.44 18.70
CA LEU A 1010 20.82 -5.27 19.23
C LEU A 1010 22.32 -5.52 19.24
N GLN A 1011 22.74 -6.74 19.54
CA GLN A 1011 24.17 -7.07 19.48
C GLN A 1011 24.71 -6.86 18.06
N GLY A 1012 23.97 -7.34 17.06
CA GLY A 1012 24.40 -7.16 15.69
C GLY A 1012 24.46 -5.71 15.27
N VAL A 1013 23.52 -4.90 15.76
CA VAL A 1013 23.56 -3.47 15.47
C VAL A 1013 24.76 -2.81 16.12
N ILE A 1014 25.03 -3.13 17.39
CA ILE A 1014 26.11 -2.44 18.08
C ILE A 1014 27.48 -2.94 17.61
N ALA A 1015 27.54 -4.11 16.98
CA ALA A 1015 28.78 -4.56 16.36
C ALA A 1015 29.16 -3.66 15.19
N ARG A 1016 28.25 -3.47 14.25
CA ARG A 1016 28.54 -2.67 13.05
C ARG A 1016 28.42 -1.18 13.36
N GLY A 1017 29.22 -0.71 14.31
CA GLY A 1017 29.07 0.66 14.77
C GLY A 1017 27.95 0.78 15.78
N ASN A 1018 27.63 2.01 16.16
CA ASN A 1018 26.66 2.27 17.21
C ASN A 1018 25.64 3.28 16.73
N ASN A 1019 25.09 3.05 15.54
CA ASN A 1019 24.09 3.94 14.99
C ASN A 1019 22.89 4.04 15.92
N GLN A 1020 22.65 5.24 16.44
CA GLN A 1020 21.57 5.40 17.41
C GLN A 1020 20.22 5.12 16.80
N THR A 1021 19.98 5.58 15.56
CA THR A 1021 18.70 5.35 14.91
C THR A 1021 18.46 3.86 14.68
N GLU A 1022 19.49 3.13 14.25
CA GLU A 1022 19.32 1.70 14.04
C GLU A 1022 19.07 0.96 15.34
N LYS A 1023 19.52 1.51 16.47
CA LYS A 1023 19.21 0.90 17.76
C LYS A 1023 17.79 1.23 18.18
N ASN A 1024 17.33 2.46 17.90
CA ASN A 1024 15.96 2.81 18.23
C ASN A 1024 14.98 2.04 17.35
N LYS A 1025 15.41 1.56 16.20
CA LYS A 1025 14.58 0.65 15.43
C LYS A 1025 14.24 -0.61 16.23
N ILE A 1026 15.07 -0.97 17.20
CA ILE A 1026 14.83 -2.14 18.04
C ILE A 1026 14.19 -1.76 19.36
N ILE A 1027 14.67 -0.69 19.99
CA ILE A 1027 14.14 -0.26 21.27
C ILE A 1027 12.67 0.10 21.15
N GLU A 1028 12.23 0.50 19.96
CA GLU A 1028 10.84 0.90 19.74
C GLU A 1028 10.18 0.02 18.70
N LEU A 1029 10.31 -1.30 18.84
CA LEU A 1029 9.91 -2.21 17.78
C LEU A 1029 8.40 -2.28 17.59
N ASP A 1030 7.63 -1.82 18.57
CA ASP A 1030 6.17 -1.95 18.57
C ASP A 1030 5.77 -3.43 18.48
N ALA A 1031 6.09 -4.14 19.56
CA ALA A 1031 5.85 -5.58 19.63
C ALA A 1031 4.36 -5.92 19.62
N ALA A 1032 3.48 -4.94 19.81
CA ALA A 1032 2.05 -5.18 19.84
C ALA A 1032 1.44 -5.25 18.45
N ASP A 1033 2.21 -5.55 17.42
CA ASP A 1033 1.70 -5.41 16.06
C ASP A 1033 0.93 -6.64 15.61
N ASN A 1034 1.02 -7.76 16.32
CA ASN A 1034 0.17 -8.90 16.00
C ASN A 1034 -1.10 -8.94 16.82
N LEU A 1035 -1.12 -8.24 17.96
CA LEU A 1035 -2.31 -8.05 18.75
C LEU A 1035 -3.17 -6.90 18.26
N LYS A 1036 -2.78 -6.25 17.18
CA LYS A 1036 -3.43 -5.02 16.76
C LYS A 1036 -4.84 -5.27 16.27
N GLN A 1037 -4.97 -6.11 15.23
CA GLN A 1037 -6.27 -6.34 14.59
C GLN A 1037 -7.27 -6.96 15.54
N GLY A 1038 -6.79 -7.66 16.56
CA GLY A 1038 -7.70 -8.38 17.44
C GLY A 1038 -8.13 -7.59 18.65
N ILE A 1039 -7.22 -6.80 19.22
CA ILE A 1039 -7.55 -6.03 20.40
C ILE A 1039 -8.21 -4.72 20.03
N VAL A 1040 -7.86 -4.12 18.89
CA VAL A 1040 -8.49 -2.88 18.51
C VAL A 1040 -9.97 -3.09 18.19
N ALA A 1041 -10.33 -4.24 17.65
CA ALA A 1041 -11.75 -4.53 17.41
C ALA A 1041 -12.53 -4.54 18.72
N ASN A 1042 -12.00 -5.18 19.76
CA ASN A 1042 -12.66 -5.15 21.05
C ASN A 1042 -12.77 -3.72 21.58
N MET A 1043 -11.70 -2.94 21.48
CA MET A 1043 -11.74 -1.58 22.02
C MET A 1043 -12.74 -0.73 21.26
N ILE A 1044 -12.84 -0.90 19.95
CA ILE A 1044 -13.82 -0.15 19.17
C ILE A 1044 -15.23 -0.57 19.55
N GLY A 1045 -15.45 -1.86 19.76
CA GLY A 1045 -16.76 -2.31 20.20
C GLY A 1045 -17.17 -1.68 21.51
N ILE A 1046 -16.24 -1.60 22.47
CA ILE A 1046 -16.57 -1.04 23.77
C ILE A 1046 -16.80 0.46 23.67
N VAL A 1047 -15.96 1.17 22.90
CA VAL A 1047 -16.13 2.61 22.79
C VAL A 1047 -17.45 2.95 22.11
N ASN A 1048 -17.82 2.19 21.08
CA ASN A 1048 -19.14 2.34 20.47
C ASN A 1048 -20.24 2.07 21.48
N TYR A 1049 -20.09 1.02 22.29
CA TYR A 1049 -21.13 0.68 23.26
C TYR A 1049 -21.34 1.82 24.25
N ILE A 1050 -20.25 2.39 24.75
CA ILE A 1050 -20.37 3.45 25.75
C ILE A 1050 -20.87 4.74 25.11
N PHE A 1051 -20.42 5.04 23.89
CA PHE A 1051 -20.91 6.22 23.20
C PHE A 1051 -22.41 6.15 22.95
N ALA A 1052 -22.90 5.00 22.50
CA ALA A 1052 -24.34 4.83 22.27
C ALA A 1052 -25.11 4.66 23.57
N LYS A 1053 -24.45 4.28 24.66
CA LYS A 1053 -25.10 4.19 25.96
C LYS A 1053 -25.60 5.56 26.42
N TYR A 1054 -24.79 6.60 26.22
CA TYR A 1054 -25.13 7.95 26.62
C TYR A 1054 -25.84 8.72 25.52
N SER A 1055 -26.50 8.01 24.60
CA SER A 1055 -27.41 8.61 23.62
C SER A 1055 -26.70 9.61 22.72
N TYR A 1056 -25.44 9.32 22.39
CA TYR A 1056 -24.63 10.09 21.44
C TYR A 1056 -24.40 11.52 21.88
N LYS A 1057 -24.77 11.88 23.11
CA LYS A 1057 -24.47 13.20 23.65
C LYS A 1057 -23.23 13.11 24.54
N ALA A 1058 -22.08 12.94 23.88
CA ALA A 1058 -20.83 12.78 24.58
C ALA A 1058 -19.69 13.22 23.67
N TYR A 1059 -18.60 13.65 24.30
CA TYR A 1059 -17.36 13.98 23.60
C TYR A 1059 -16.37 12.84 23.82
N ILE A 1060 -15.51 12.60 22.84
CA ILE A 1060 -14.43 11.63 22.97
C ILE A 1060 -13.16 12.43 23.19
N SER A 1061 -12.21 11.91 23.96
CA SER A 1061 -11.01 12.66 24.28
C SER A 1061 -9.79 11.76 24.17
N LEU A 1062 -8.97 12.01 23.16
CA LEU A 1062 -7.89 11.11 22.76
C LEU A 1062 -6.56 11.85 22.77
N GLU A 1063 -5.48 11.08 22.90
CA GLU A 1063 -4.14 11.66 22.82
C GLU A 1063 -3.86 12.18 21.42
N ASP A 1064 -3.01 13.19 21.34
CA ASP A 1064 -2.56 13.73 20.07
C ASP A 1064 -1.16 13.20 19.82
N LEU A 1065 -1.04 12.24 18.92
CA LEU A 1065 0.20 11.56 18.56
C LEU A 1065 1.09 12.40 17.71
N SER A 1066 0.68 13.66 17.47
CA SER A 1066 1.39 14.52 16.53
C SER A 1066 2.84 14.70 16.92
N ARG A 1067 3.13 14.71 18.22
CA ARG A 1067 4.50 14.87 18.68
C ARG A 1067 5.43 13.86 18.04
N ALA A 1068 4.94 12.64 17.80
CA ALA A 1068 5.80 11.59 17.29
C ALA A 1068 6.21 11.82 15.84
N TYR A 1069 5.60 12.79 15.17
CA TYR A 1069 5.93 13.07 13.77
C TYR A 1069 6.88 14.25 13.62
N GLY A 1070 7.66 14.56 14.64
CA GLY A 1070 8.62 15.64 14.57
C GLY A 1070 7.94 16.99 14.54
N GLY A 1071 8.75 18.02 14.28
CA GLY A 1071 8.25 19.36 14.13
C GLY A 1071 7.82 19.66 12.70
N ALA A 1072 7.52 20.94 12.47
CA ALA A 1072 7.14 21.37 11.14
C ALA A 1072 8.30 21.23 10.15
N LYS A 1073 9.53 21.29 10.64
CA LYS A 1073 10.68 21.19 9.76
C LYS A 1073 10.86 19.76 9.24
N SER A 1074 10.51 18.76 10.03
CA SER A 1074 10.81 17.38 9.68
C SER A 1074 10.04 16.98 8.43
N GLY A 1075 10.59 16.00 7.71
CA GLY A 1075 10.03 15.60 6.44
C GLY A 1075 8.74 14.81 6.54
N TYR A 1076 8.32 14.44 7.74
CA TYR A 1076 7.12 13.63 7.93
C TYR A 1076 5.90 14.54 7.91
N ASP A 1077 5.12 14.43 6.83
CA ASP A 1077 3.87 15.17 6.69
C ASP A 1077 2.73 14.53 7.44
N GLY A 1078 2.86 13.26 7.85
CA GLY A 1078 1.87 12.58 8.65
C GLY A 1078 1.32 11.32 8.03
N ARG A 1079 1.21 11.27 6.70
CA ARG A 1079 0.56 10.14 6.07
C ARG A 1079 1.29 8.83 6.34
N TYR A 1080 2.62 8.87 6.29
CA TYR A 1080 3.45 7.68 6.42
C TYR A 1080 4.05 7.61 7.81
N LEU A 1081 3.85 6.49 8.46
CA LEU A 1081 4.28 6.33 9.84
C LEU A 1081 5.80 6.39 9.93
N PRO A 1082 6.37 7.15 10.86
CA PRO A 1082 7.81 7.10 11.08
C PRO A 1082 8.22 5.71 11.51
N SER A 1083 9.38 5.25 11.02
CA SER A 1083 9.88 3.96 11.48
C SER A 1083 10.31 4.05 12.94
N THR A 1084 10.86 5.19 13.35
CA THR A 1084 11.15 5.49 14.73
C THR A 1084 10.56 6.85 15.08
N SER A 1085 10.15 6.99 16.34
CA SER A 1085 9.54 8.23 16.80
C SER A 1085 10.50 9.39 16.61
N GLN A 1086 9.97 10.52 16.11
CA GLN A 1086 10.74 11.71 15.82
C GLN A 1086 10.60 12.78 16.88
N ASP A 1087 10.08 12.44 18.05
CA ASP A 1087 9.90 13.42 19.10
C ASP A 1087 11.25 14.01 19.48
N GLU A 1088 11.21 15.23 20.00
CA GLU A 1088 12.44 15.94 20.36
C GLU A 1088 12.90 15.61 21.77
N ASP A 1089 11.98 15.50 22.72
CA ASP A 1089 12.35 15.18 24.09
C ASP A 1089 12.95 13.79 24.18
N VAL A 1090 13.89 13.61 25.09
CA VAL A 1090 14.37 12.26 25.39
C VAL A 1090 13.62 11.68 26.58
N ASP A 1091 13.29 12.50 27.57
CA ASP A 1091 12.52 12.00 28.71
C ASP A 1091 11.12 11.56 28.29
N PHE A 1092 10.43 12.39 27.50
CA PHE A 1092 9.10 12.01 27.05
C PHE A 1092 9.16 10.86 26.05
N LYS A 1093 10.13 10.88 25.15
CA LYS A 1093 10.27 9.77 24.22
C LYS A 1093 10.59 8.48 24.96
N GLU A 1094 11.18 8.59 26.15
CA GLU A 1094 11.42 7.40 26.97
C GLU A 1094 10.14 6.96 27.67
N GLN A 1095 9.32 7.91 28.14
CA GLN A 1095 8.06 7.53 28.78
C GLN A 1095 7.03 7.01 27.80
N GLN A 1096 7.16 7.33 26.52
CA GLN A 1096 6.25 6.78 25.52
C GLN A 1096 6.74 5.47 24.94
N ASN A 1097 7.93 5.01 25.33
CA ASN A 1097 8.45 3.73 24.91
C ASN A 1097 8.22 2.63 25.94
N GLN A 1098 7.49 2.93 27.00
CA GLN A 1098 7.10 1.94 28.00
C GLN A 1098 5.63 1.55 27.88
N MET A 1099 4.88 2.17 26.98
CA MET A 1099 3.48 1.84 26.83
C MET A 1099 3.32 0.50 26.11
N LEU A 1100 2.25 -0.22 26.44
CA LEU A 1100 1.96 -1.45 25.72
C LEU A 1100 1.63 -1.17 24.25
N ALA A 1101 0.84 -0.13 24.01
CA ALA A 1101 0.46 0.20 22.64
C ALA A 1101 1.49 1.16 22.06
N GLY A 1102 2.26 0.70 21.09
CA GLY A 1102 3.21 1.55 20.43
C GLY A 1102 2.53 2.63 19.62
N LEU A 1103 3.33 3.31 18.80
CA LEU A 1103 2.75 4.35 17.95
C LEU A 1103 1.89 3.74 16.86
N GLY A 1104 2.34 2.66 16.24
CA GLY A 1104 1.55 2.05 15.19
C GLY A 1104 0.23 1.50 15.71
N THR A 1105 0.27 0.79 16.84
CA THR A 1105 -0.95 0.22 17.40
C THR A 1105 -1.93 1.30 17.84
N TYR A 1106 -1.46 2.30 18.57
CA TYR A 1106 -2.39 3.30 19.08
C TYR A 1106 -2.89 4.21 17.97
N GLN A 1107 -2.04 4.52 16.98
CA GLN A 1107 -2.52 5.28 15.84
C GLN A 1107 -3.54 4.47 15.06
N PHE A 1108 -3.34 3.16 14.94
CA PHE A 1108 -4.36 2.32 14.32
C PHE A 1108 -5.67 2.37 15.08
N PHE A 1109 -5.59 2.32 16.41
CA PHE A 1109 -6.82 2.42 17.20
C PHE A 1109 -7.51 3.74 16.97
N GLU A 1110 -6.76 4.84 16.96
CA GLU A 1110 -7.37 6.16 16.79
C GLU A 1110 -8.03 6.29 15.42
N MET A 1111 -7.34 5.83 14.36
CA MET A 1111 -7.91 5.91 13.04
C MET A 1111 -9.11 4.99 12.86
N GLN A 1112 -9.09 3.82 13.50
CA GLN A 1112 -10.27 2.97 13.45
C GLN A 1112 -11.43 3.59 14.18
N LEU A 1113 -11.17 4.29 15.28
CA LEU A 1113 -12.24 4.93 16.01
C LEU A 1113 -12.84 6.08 15.20
N LEU A 1114 -12.01 6.87 14.53
CA LEU A 1114 -12.55 7.95 13.70
C LEU A 1114 -13.35 7.40 12.54
N LYS A 1115 -12.84 6.35 11.89
CA LYS A 1115 -13.61 5.70 10.83
C LYS A 1115 -14.92 5.15 11.34
N LYS A 1116 -14.94 4.63 12.58
CA LYS A 1116 -16.18 4.13 13.16
C LYS A 1116 -17.17 5.25 13.41
N LEU A 1117 -16.72 6.34 14.04
CA LEU A 1117 -17.61 7.45 14.32
C LEU A 1117 -18.14 8.09 13.05
N GLN A 1118 -17.40 8.01 11.95
CA GLN A 1118 -17.86 8.61 10.71
C GLN A 1118 -19.12 7.93 10.17
N LYS A 1119 -19.37 6.68 10.55
CA LYS A 1119 -20.45 5.91 9.92
C LYS A 1119 -21.22 5.09 10.96
N ILE A 1120 -21.56 5.68 12.10
CA ILE A 1120 -22.35 4.97 13.09
C ILE A 1120 -23.72 4.64 12.53
N GLN A 1121 -24.15 3.39 12.69
CA GLN A 1121 -25.47 2.93 12.27
C GLN A 1121 -26.27 2.61 13.51
N SER A 1122 -27.17 3.52 13.90
CA SER A 1122 -27.93 3.37 15.13
C SER A 1122 -29.06 2.38 14.97
N ASP A 1123 -30.01 2.67 14.06
CA ASP A 1123 -31.07 1.72 13.73
C ASP A 1123 -31.62 2.07 12.34
N ASN A 1124 -31.16 1.34 11.34
CA ASN A 1124 -31.57 1.53 9.95
C ASN A 1124 -31.23 2.92 9.41
N THR A 1125 -30.29 3.61 10.07
CA THR A 1125 -29.90 4.96 9.69
C THR A 1125 -28.43 5.17 10.02
N VAL A 1126 -27.80 6.08 9.30
CA VAL A 1126 -26.37 6.35 9.41
C VAL A 1126 -26.16 7.73 9.99
N LEU A 1127 -25.36 7.82 11.04
CA LEU A 1127 -25.03 9.07 11.70
C LEU A 1127 -23.57 9.40 11.45
N ARG A 1128 -23.21 10.65 11.67
CA ARG A 1128 -21.84 11.10 11.47
C ARG A 1128 -21.45 12.06 12.58
N PHE A 1129 -20.26 11.86 13.14
CA PHE A 1129 -19.77 12.72 14.20
C PHE A 1129 -18.38 13.28 13.95
N VAL A 1130 -17.68 12.86 12.90
CA VAL A 1130 -16.38 13.44 12.56
C VAL A 1130 -16.44 13.90 11.10
N PRO A 1131 -15.89 15.05 10.77
CA PRO A 1131 -16.16 15.65 9.46
C PRO A 1131 -15.30 15.16 8.31
N ALA A 1132 -15.87 14.39 7.39
CA ALA A 1132 -15.23 14.05 6.12
C ALA A 1132 -13.76 13.66 6.26
N PHE A 1133 -13.48 12.88 7.29
CA PHE A 1133 -12.18 12.24 7.47
C PHE A 1133 -11.81 11.43 6.23
N ARG A 1134 -10.79 11.88 5.49
CA ARG A 1134 -10.32 11.13 4.32
C ARG A 1134 -9.49 9.94 4.77
N SER A 1135 -10.00 8.74 4.52
CA SER A 1135 -9.49 7.54 5.18
C SER A 1135 -8.05 7.22 4.79
N ALA A 1136 -7.75 7.30 3.49
CA ALA A 1136 -6.46 6.85 2.97
C ALA A 1136 -5.30 7.69 3.45
N ASP A 1137 -5.54 8.87 3.99
CA ASP A 1137 -4.50 9.74 4.55
C ASP A 1137 -4.51 9.53 6.06
N ASN A 1138 -3.56 8.74 6.53
CA ASN A 1138 -3.62 8.19 7.88
C ASN A 1138 -3.70 9.26 8.96
N TYR A 1139 -2.65 10.05 9.14
CA TYR A 1139 -2.60 10.98 10.27
C TYR A 1139 -2.31 12.41 9.85
N ARG A 1140 -2.36 12.73 8.57
CA ARG A 1140 -2.33 14.15 8.22
C ARG A 1140 -3.59 14.85 8.68
N ASN A 1141 -4.73 14.15 8.68
CA ASN A 1141 -5.98 14.80 9.02
C ASN A 1141 -5.95 15.38 10.41
N ILE A 1142 -5.06 14.87 11.27
CA ILE A 1142 -4.96 15.37 12.63
C ILE A 1142 -3.85 16.39 12.78
N LEU A 1143 -2.76 16.25 12.03
CA LEU A 1143 -1.71 17.27 12.06
C LEU A 1143 -2.24 18.59 11.52
N ARG A 1144 -2.98 18.54 10.41
CA ARG A 1144 -3.43 19.75 9.74
C ARG A 1144 -4.46 20.54 10.54
N LEU A 1145 -5.06 19.96 11.58
CA LEU A 1145 -6.09 20.65 12.31
C LEU A 1145 -5.54 21.91 12.97
N GLU A 1146 -6.44 22.78 13.38
CA GLU A 1146 -6.07 24.02 14.06
C GLU A 1146 -6.34 23.86 15.55
N GLU A 1147 -5.29 23.95 16.35
CA GLU A 1147 -5.47 23.92 17.79
C GLU A 1147 -6.28 25.11 18.25
N THR A 1148 -7.11 24.90 19.26
CA THR A 1148 -7.67 26.03 19.98
C THR A 1148 -6.57 26.70 20.80
N LYS A 1149 -6.95 27.69 21.61
CA LYS A 1149 -5.90 28.32 22.42
C LYS A 1149 -5.54 27.48 23.64
N TYR A 1150 -6.16 26.32 23.83
CA TYR A 1150 -5.85 25.42 24.93
C TYR A 1150 -5.03 24.22 24.50
N LYS A 1151 -4.50 24.24 23.28
CA LYS A 1151 -3.71 23.14 22.72
C LYS A 1151 -4.49 21.82 22.68
N SER A 1152 -5.71 21.88 22.15
CA SER A 1152 -6.47 20.69 21.84
C SER A 1152 -7.10 20.89 20.47
N LYS A 1153 -6.98 19.88 19.62
CA LYS A 1153 -7.47 19.96 18.24
C LYS A 1153 -8.86 19.33 18.20
N PRO A 1154 -9.92 20.12 18.01
CA PRO A 1154 -11.26 19.53 17.92
C PRO A 1154 -11.51 19.01 16.51
N PHE A 1155 -12.12 17.83 16.42
CA PHE A 1155 -12.43 17.18 15.15
C PHE A 1155 -13.80 16.55 15.35
N GLY A 1156 -14.84 17.30 15.01
CA GLY A 1156 -16.18 16.83 15.30
C GLY A 1156 -16.37 16.63 16.79
N VAL A 1157 -16.81 15.44 17.16
CA VAL A 1157 -16.94 15.08 18.57
C VAL A 1157 -15.57 14.93 19.22
N VAL A 1158 -14.60 14.39 18.49
CA VAL A 1158 -13.32 13.99 19.06
C VAL A 1158 -12.50 15.22 19.44
N HIS A 1159 -11.72 15.09 20.51
CA HIS A 1159 -10.84 16.15 20.97
C HIS A 1159 -9.44 15.57 21.13
N PHE A 1160 -8.54 15.94 20.24
CA PHE A 1160 -7.19 15.40 20.30
C PHE A 1160 -6.38 16.29 21.22
N ILE A 1161 -5.90 15.71 22.31
CA ILE A 1161 -5.23 16.46 23.36
C ILE A 1161 -3.76 16.08 23.42
N ASP A 1162 -2.91 17.10 23.51
CA ASP A 1162 -1.47 16.89 23.57
C ASP A 1162 -1.10 16.12 24.84
N PRO A 1163 -0.31 15.05 24.75
CA PRO A 1163 -0.06 14.24 25.95
C PRO A 1163 0.67 14.99 27.05
N LYS A 1164 1.60 15.88 26.71
CA LYS A 1164 2.45 16.47 27.72
C LYS A 1164 1.69 17.47 28.59
N PHE A 1165 0.71 18.17 28.04
CA PHE A 1165 0.00 19.21 28.75
C PHE A 1165 -1.30 18.71 29.38
N THR A 1166 -1.31 17.45 29.84
CA THR A 1166 -2.44 16.90 30.58
C THR A 1166 -1.85 16.29 31.86
N SER A 1167 -1.69 17.13 32.88
CA SER A 1167 -1.07 16.70 34.13
C SER A 1167 -1.42 17.66 35.25
N LYS A 1168 -2.13 17.17 36.28
CA LYS A 1168 -2.59 18.02 37.37
C LYS A 1168 -2.65 17.27 38.69
N LYS A 1169 -3.37 17.83 39.66
CA LYS A 1169 -3.58 17.14 40.93
C LYS A 1169 -4.32 15.82 40.71
N CYS A 1170 -3.86 14.78 41.40
CA CYS A 1170 -4.39 13.45 41.20
C CYS A 1170 -5.86 13.38 41.62
N PRO A 1171 -6.63 12.45 41.04
CA PRO A 1171 -8.06 12.36 41.35
C PRO A 1171 -8.30 11.95 42.80
N VAL A 1172 -9.04 12.79 43.53
CA VAL A 1172 -9.44 12.41 44.88
C VAL A 1172 -10.45 11.28 44.84
N CYS A 1173 -11.34 11.28 43.85
CA CYS A 1173 -12.41 10.30 43.72
C CYS A 1173 -13.29 10.26 44.97
N GLY A 1212 -2.93 4.72 39.42
CA GLY A 1212 -1.60 4.57 38.84
C GLY A 1212 -1.56 4.93 37.37
N ASP A 1213 -2.32 4.19 36.57
CA ASP A 1213 -2.42 4.43 35.14
C ASP A 1213 -3.84 4.73 34.69
N ASP A 1214 -4.82 4.61 35.58
CA ASP A 1214 -6.18 5.05 35.27
C ASP A 1214 -6.34 6.56 35.45
N ASN A 1215 -5.51 7.15 36.32
CA ASN A 1215 -5.52 8.60 36.45
C ASN A 1215 -5.16 9.27 35.13
N GLY A 1216 -4.49 8.55 34.22
CA GLY A 1216 -4.25 9.10 32.90
C GLY A 1216 -5.53 9.30 32.13
N ALA A 1217 -6.41 8.30 32.13
CA ALA A 1217 -7.71 8.46 31.49
C ALA A 1217 -8.52 9.55 32.16
N TYR A 1218 -8.51 9.59 33.49
CA TYR A 1218 -9.24 10.64 34.19
C TYR A 1218 -8.71 12.01 33.81
N HIS A 1219 -7.40 12.14 33.67
CA HIS A 1219 -6.83 13.47 33.42
C HIS A 1219 -7.07 13.92 31.99
N ILE A 1220 -7.04 13.01 31.03
CA ILE A 1220 -7.42 13.42 29.67
C ILE A 1220 -8.87 13.84 29.63
N ALA A 1221 -9.77 13.07 30.26
CA ALA A 1221 -11.17 13.47 30.24
C ALA A 1221 -11.36 14.81 30.96
N LEU A 1222 -10.64 15.04 32.05
CA LEU A 1222 -10.79 16.26 32.81
C LEU A 1222 -10.25 17.47 32.06
N LYS A 1223 -9.13 17.31 31.36
CA LYS A 1223 -8.64 18.42 30.56
C LYS A 1223 -9.61 18.75 29.45
N SER A 1224 -10.21 17.74 28.83
CA SER A 1224 -11.21 18.06 27.81
C SER A 1224 -12.42 18.77 28.42
N VAL A 1225 -12.83 18.36 29.62
CA VAL A 1225 -13.93 19.04 30.31
C VAL A 1225 -13.60 20.51 30.53
N GLU A 1226 -12.41 20.77 31.07
CA GLU A 1226 -12.01 22.15 31.37
C GLU A 1226 -11.94 22.97 30.10
N ASN A 1227 -11.35 22.43 29.04
CA ASN A 1227 -11.24 23.18 27.79
C ASN A 1227 -12.60 23.46 27.20
N LEU A 1228 -13.52 22.51 27.29
CA LEU A 1228 -14.86 22.73 26.74
C LEU A 1228 -15.64 23.76 27.53
N ILE A 1229 -15.53 23.74 28.85
CA ILE A 1229 -16.17 24.79 29.66
C ILE A 1229 -15.57 26.15 29.32
N GLN A 1230 -14.24 26.23 29.24
CA GLN A 1230 -13.60 27.51 28.95
C GLN A 1230 -13.89 27.98 27.53
N MET A 1231 -14.31 27.08 26.64
CA MET A 1231 -14.76 27.52 25.33
C MET A 1231 -16.01 28.37 25.43
N LYS A 1232 -16.92 28.00 26.34
CA LYS A 1232 -18.20 28.68 26.48
C LYS A 1232 -18.51 29.00 27.94
#